data_3WB9
#
_entry.id   3WB9
#
_cell.length_a   126.249
_cell.length_b   99.450
_cell.length_c   80.822
_cell.angle_alpha   90.000
_cell.angle_beta   107.690
_cell.angle_gamma   90.000
#
_symmetry.space_group_name_H-M   'C 1 2 1'
#
loop_
_entity.id
_entity.type
_entity.pdbx_description
1 polymer 'Diaminopimelate dehydrogenase'
2 non-polymer GLYCEROL
3 water water
#
_entity_poly.entity_id   1
_entity_poly.type   'polypeptide(L)'
_entity_poly.pdbx_seq_one_letter_code
;HHHHHHMDKLRVAVVGYGNVGRYALEAVQAAPDMELVGVVRRKVLAATPPELTGVRVVTDISQLEGVQGALLCVPTRSVP
EYAEAMLRRGIHTVDSYDIHGDLADLRRRLDPVAREHGAAAVISAGWDPGTDSIIRALLEFMAPKGITYTNFGPGMSMGH
SVAVKAIPGVRDALSMTIPAGMGVHKRAVYVELEPGADFAEVERAIKTDPYFVRDETRVTQVESVSALMDVGHGVVMERK
GVSGATHNQLFRFEMRINNPALTAQVMVAALRAAARQKPGCYTMIEIPVIDYLPGDREAWIRKLV
;
_entity_poly.pdbx_strand_id   A,B,C
#
# COMPACT_ATOMS: atom_id res chain seq x y z
N LYS A 9 7.98 -36.01 5.59
CA LYS A 9 8.41 -34.62 5.30
C LYS A 9 9.31 -34.55 4.06
N LEU A 10 9.16 -33.48 3.29
CA LEU A 10 9.96 -33.30 2.09
C LEU A 10 11.38 -32.90 2.47
N ARG A 11 12.37 -33.67 1.99
CA ARG A 11 13.77 -33.38 2.29
C ARG A 11 14.23 -32.29 1.32
N VAL A 12 14.57 -31.14 1.88
CA VAL A 12 14.95 -29.98 1.10
C VAL A 12 16.35 -29.42 1.29
N ALA A 13 16.89 -28.88 0.21
CA ALA A 13 18.20 -28.26 0.26
C ALA A 13 18.09 -26.83 -0.25
N VAL A 14 18.85 -25.94 0.37
CA VAL A 14 18.88 -24.55 -0.04
C VAL A 14 20.15 -24.42 -0.89
N VAL A 15 19.98 -24.08 -2.16
CA VAL A 15 21.12 -23.94 -3.06
C VAL A 15 21.42 -22.47 -3.30
N GLY A 16 22.60 -22.06 -2.86
CA GLY A 16 23.01 -20.67 -3.00
C GLY A 16 22.73 -20.00 -1.68
N TYR A 17 23.69 -19.23 -1.18
CA TYR A 17 23.47 -18.56 0.10
C TYR A 17 23.69 -17.06 0.01
N GLY A 18 22.58 -16.33 -0.04
CA GLY A 18 22.63 -14.87 -0.10
C GLY A 18 21.43 -14.35 0.66
N ASN A 19 20.94 -13.18 0.28
CA ASN A 19 19.78 -12.62 0.96
C ASN A 19 18.69 -13.68 1.02
N VAL A 20 18.00 -13.89 -0.10
CA VAL A 20 16.94 -14.89 -0.16
C VAL A 20 17.41 -16.19 0.48
N GLY A 21 18.71 -16.47 0.35
CA GLY A 21 19.28 -17.67 0.94
C GLY A 21 19.13 -17.74 2.45
N ARG A 22 19.61 -16.72 3.16
CA ARG A 22 19.50 -16.70 4.62
C ARG A 22 18.03 -16.77 5.02
N TYR A 23 17.19 -16.09 4.25
CA TYR A 23 15.76 -16.08 4.51
C TYR A 23 15.19 -17.43 4.07
N ALA A 24 15.84 -18.06 3.09
CA ALA A 24 15.41 -19.36 2.60
C ALA A 24 15.62 -20.37 3.71
N LEU A 25 16.75 -20.25 4.40
CA LEU A 25 17.07 -21.14 5.51
C LEU A 25 15.96 -21.07 6.56
N GLU A 26 15.58 -19.85 6.94
CA GLU A 26 14.55 -19.66 7.95
C GLU A 26 13.19 -20.17 7.47
N ALA A 27 12.87 -19.93 6.21
CA ALA A 27 11.60 -20.37 5.65
C ALA A 27 11.46 -21.89 5.72
N VAL A 28 12.54 -22.60 5.37
CA VAL A 28 12.51 -24.06 5.41
C VAL A 28 12.40 -24.56 6.84
N GLN A 29 13.23 -24.01 7.72
CA GLN A 29 13.21 -24.42 9.11
C GLN A 29 11.85 -24.19 9.77
N ALA A 30 11.11 -23.20 9.28
CA ALA A 30 9.80 -22.88 9.82
C ALA A 30 8.67 -23.70 9.20
N ALA A 31 8.96 -24.38 8.10
CA ALA A 31 7.94 -25.20 7.42
C ALA A 31 7.67 -26.48 8.21
N PRO A 32 6.38 -26.77 8.49
CA PRO A 32 5.98 -27.96 9.25
C PRO A 32 6.09 -29.28 8.48
N ASP A 33 6.16 -29.20 7.16
CA ASP A 33 6.21 -30.40 6.34
C ASP A 33 7.53 -30.58 5.60
N MET A 34 8.59 -29.94 6.08
CA MET A 34 9.89 -30.07 5.43
C MET A 34 11.03 -30.32 6.40
N GLU A 35 12.05 -31.00 5.88
CA GLU A 35 13.23 -31.33 6.66
C GLU A 35 14.43 -30.76 5.90
N LEU A 36 15.11 -29.79 6.49
CA LEU A 36 16.27 -29.19 5.85
C LEU A 36 17.44 -30.17 5.91
N VAL A 37 17.90 -30.61 4.74
CA VAL A 37 19.03 -31.54 4.69
C VAL A 37 20.32 -30.74 4.80
N GLY A 38 20.35 -29.56 4.19
CA GLY A 38 21.54 -28.74 4.26
C GLY A 38 21.57 -27.61 3.25
N VAL A 39 22.69 -26.90 3.23
CA VAL A 39 22.86 -25.79 2.32
C VAL A 39 24.02 -26.02 1.36
N VAL A 40 23.80 -25.70 0.09
CA VAL A 40 24.83 -25.83 -0.92
C VAL A 40 25.29 -24.41 -1.24
N ARG A 41 26.59 -24.15 -1.11
CA ARG A 41 27.11 -22.83 -1.41
C ARG A 41 28.54 -22.93 -1.92
N ARG A 42 28.96 -21.90 -2.66
CA ARG A 42 30.29 -21.83 -3.25
C ARG A 42 31.47 -21.87 -2.29
N LYS A 43 31.36 -21.21 -1.16
CA LYS A 43 32.46 -21.21 -0.19
C LYS A 43 32.06 -21.66 1.19
N VAL A 44 32.88 -22.54 1.77
CA VAL A 44 32.64 -23.06 3.11
C VAL A 44 33.91 -22.85 3.92
N LEU A 45 34.01 -21.72 4.59
CA LEU A 45 35.18 -21.38 5.39
C LEU A 45 35.16 -22.07 6.76
N ALA A 46 36.33 -22.11 7.39
CA ALA A 46 36.48 -22.73 8.70
C ALA A 46 35.60 -22.06 9.75
N ALA A 47 35.53 -20.74 9.71
CA ALA A 47 34.71 -19.99 10.67
C ALA A 47 33.25 -20.06 10.23
N THR A 48 32.55 -21.06 10.73
CA THR A 48 31.14 -21.28 10.39
C THR A 48 30.26 -20.12 10.84
N PRO A 49 29.52 -19.50 9.90
CA PRO A 49 28.63 -18.39 10.25
C PRO A 49 27.69 -18.84 11.37
N PRO A 50 27.37 -17.93 12.31
CA PRO A 50 26.48 -18.26 13.43
C PRO A 50 25.16 -18.96 13.07
N GLU A 51 24.43 -18.43 12.10
CA GLU A 51 23.15 -19.03 11.72
C GLU A 51 23.28 -20.41 11.06
N LEU A 52 24.46 -20.70 10.52
CA LEU A 52 24.68 -22.00 9.88
C LEU A 52 25.24 -23.02 10.86
N THR A 53 25.34 -22.61 12.12
CA THR A 53 25.83 -23.49 13.17
C THR A 53 24.83 -24.65 13.27
N GLY A 54 25.34 -25.88 13.19
CA GLY A 54 24.46 -27.03 13.29
C GLY A 54 23.78 -27.39 11.98
N VAL A 55 24.16 -26.71 10.90
CA VAL A 55 23.58 -26.98 9.59
C VAL A 55 24.65 -27.53 8.66
N ARG A 56 24.33 -28.58 7.92
CA ARG A 56 25.28 -29.16 6.99
C ARG A 56 25.43 -28.23 5.79
N VAL A 57 26.66 -27.82 5.52
CA VAL A 57 26.95 -26.93 4.40
C VAL A 57 28.03 -27.54 3.51
N VAL A 58 27.71 -27.72 2.24
CA VAL A 58 28.64 -28.32 1.28
C VAL A 58 28.64 -27.55 -0.05
N THR A 59 29.61 -27.86 -0.90
CA THR A 59 29.74 -27.20 -2.20
C THR A 59 29.00 -27.88 -3.35
N ASP A 60 28.52 -29.10 -3.12
CA ASP A 60 27.78 -29.81 -4.17
C ASP A 60 26.60 -30.55 -3.57
N ILE A 61 25.45 -30.47 -4.25
CA ILE A 61 24.26 -31.12 -3.73
C ILE A 61 24.40 -32.63 -3.57
N SER A 62 25.35 -33.23 -4.30
CA SER A 62 25.56 -34.67 -4.19
C SER A 62 26.06 -35.04 -2.80
N GLN A 63 26.58 -34.07 -2.06
CA GLN A 63 27.06 -34.33 -0.71
C GLN A 63 25.98 -34.15 0.35
N LEU A 64 24.74 -33.97 -0.11
CA LEU A 64 23.60 -33.85 0.79
C LEU A 64 22.79 -35.12 0.52
N GLU A 65 22.43 -35.83 1.60
CA GLU A 65 21.71 -37.09 1.46
C GLU A 65 20.21 -37.03 1.18
N GLY A 66 19.79 -37.85 0.22
CA GLY A 66 18.38 -37.95 -0.14
C GLY A 66 17.58 -36.68 -0.32
N VAL A 67 18.15 -35.69 -1.00
CA VAL A 67 17.46 -34.43 -1.23
C VAL A 67 16.36 -34.65 -2.27
N GLN A 68 15.16 -34.21 -1.94
CA GLN A 68 14.02 -34.37 -2.84
C GLN A 68 13.62 -33.08 -3.56
N GLY A 69 13.92 -31.94 -2.95
CA GLY A 69 13.59 -30.67 -3.55
C GLY A 69 14.65 -29.64 -3.24
N ALA A 70 14.81 -28.66 -4.14
CA ALA A 70 15.82 -27.63 -3.93
C ALA A 70 15.31 -26.23 -4.24
N LEU A 71 15.67 -25.28 -3.38
CA LEU A 71 15.32 -23.89 -3.59
C LEU A 71 16.55 -23.29 -4.25
N LEU A 72 16.39 -22.81 -5.47
CA LEU A 72 17.50 -22.22 -6.20
C LEU A 72 17.61 -20.73 -5.87
N CYS A 73 18.40 -20.42 -4.84
CA CYS A 73 18.59 -19.05 -4.41
C CYS A 73 19.86 -18.45 -5.02
N VAL A 74 19.91 -18.49 -6.35
CA VAL A 74 21.06 -17.98 -7.11
C VAL A 74 20.60 -16.81 -7.99
N PRO A 75 21.55 -16.03 -8.54
CA PRO A 75 21.20 -14.90 -9.40
C PRO A 75 20.34 -15.33 -10.58
N THR A 76 19.50 -14.42 -11.06
CA THR A 76 18.61 -14.71 -12.18
C THR A 76 19.30 -15.36 -13.39
N ARG A 77 20.45 -14.84 -13.77
CA ARG A 77 21.17 -15.38 -14.92
C ARG A 77 21.68 -16.81 -14.69
N SER A 78 21.73 -17.23 -13.43
CA SER A 78 22.21 -18.58 -13.11
C SER A 78 21.10 -19.60 -12.96
N VAL A 79 19.87 -19.11 -12.85
CA VAL A 79 18.71 -19.99 -12.67
C VAL A 79 18.50 -21.07 -13.73
N PRO A 80 18.51 -20.71 -15.01
CA PRO A 80 18.30 -21.70 -16.07
C PRO A 80 19.20 -22.93 -15.97
N GLU A 81 20.50 -22.70 -15.86
CA GLU A 81 21.47 -23.79 -15.78
C GLU A 81 21.33 -24.58 -14.48
N TYR A 82 21.16 -23.89 -13.36
CA TYR A 82 21.01 -24.57 -12.07
C TYR A 82 19.77 -25.43 -12.04
N ALA A 83 18.67 -24.92 -12.60
CA ALA A 83 17.42 -25.65 -12.64
C ALA A 83 17.61 -26.95 -13.42
N GLU A 84 18.19 -26.85 -14.61
CA GLU A 84 18.41 -28.04 -15.43
C GLU A 84 19.30 -29.04 -14.72
N ALA A 85 20.37 -28.56 -14.09
CA ALA A 85 21.29 -29.43 -13.38
C ALA A 85 20.61 -30.21 -12.26
N MET A 86 19.77 -29.54 -11.49
CA MET A 86 19.07 -30.19 -10.39
C MET A 86 17.97 -31.10 -10.90
N LEU A 87 17.24 -30.66 -11.92
CA LEU A 87 16.18 -31.49 -12.49
C LEU A 87 16.77 -32.79 -13.07
N ARG A 88 17.91 -32.68 -13.73
CA ARG A 88 18.56 -33.86 -14.32
C ARG A 88 18.97 -34.88 -13.24
N ARG A 89 18.92 -34.47 -11.98
CA ARG A 89 19.25 -35.36 -10.87
C ARG A 89 17.97 -35.92 -10.25
N GLY A 90 16.83 -35.53 -10.81
CA GLY A 90 15.55 -36.00 -10.30
C GLY A 90 15.07 -35.21 -9.09
N ILE A 91 15.64 -34.03 -8.88
CA ILE A 91 15.28 -33.19 -7.75
C ILE A 91 14.30 -32.09 -8.17
N HIS A 92 13.19 -31.96 -7.44
CA HIS A 92 12.21 -30.91 -7.76
C HIS A 92 12.90 -29.57 -7.51
N THR A 93 12.55 -28.56 -8.29
CA THR A 93 13.18 -27.25 -8.11
C THR A 93 12.20 -26.10 -8.05
N VAL A 94 12.62 -25.04 -7.36
CA VAL A 94 11.82 -23.83 -7.26
C VAL A 94 12.80 -22.66 -7.36
N ASP A 95 12.41 -21.64 -8.10
CA ASP A 95 13.24 -20.46 -8.28
C ASP A 95 12.32 -19.25 -8.34
N SER A 96 12.89 -18.06 -8.30
CA SER A 96 12.10 -16.85 -8.40
C SER A 96 12.55 -16.03 -9.61
N TYR A 97 12.96 -16.72 -10.67
CA TYR A 97 13.41 -16.09 -11.92
C TYR A 97 12.49 -14.89 -12.17
N ASP A 98 13.05 -13.69 -12.23
CA ASP A 98 12.21 -12.50 -12.39
C ASP A 98 12.17 -11.74 -13.71
N ILE A 99 12.51 -12.39 -14.82
CA ILE A 99 12.44 -11.70 -16.11
C ILE A 99 11.11 -12.03 -16.79
N HIS A 100 10.16 -11.11 -16.65
CA HIS A 100 8.82 -11.27 -17.22
C HIS A 100 8.84 -11.54 -18.72
N GLY A 101 9.80 -10.94 -19.40
CA GLY A 101 9.88 -11.11 -20.85
C GLY A 101 10.26 -12.48 -21.38
N ASP A 102 10.96 -13.28 -20.59
CA ASP A 102 11.40 -14.58 -21.07
C ASP A 102 11.06 -15.79 -20.20
N LEU A 103 10.41 -15.58 -19.07
CA LEU A 103 10.09 -16.70 -18.20
C LEU A 103 9.19 -17.72 -18.90
N ALA A 104 8.42 -17.27 -19.89
CA ALA A 104 7.54 -18.18 -20.63
C ALA A 104 8.44 -19.13 -21.43
N ASP A 105 9.53 -18.59 -21.96
CA ASP A 105 10.47 -19.40 -22.72
C ASP A 105 11.21 -20.34 -21.79
N LEU A 106 11.45 -19.89 -20.56
CA LEU A 106 12.14 -20.70 -19.56
C LEU A 106 11.26 -21.91 -19.27
N ARG A 107 9.96 -21.66 -19.13
CA ARG A 107 9.00 -22.72 -18.84
C ARG A 107 9.04 -23.79 -19.91
N ARG A 108 9.09 -23.37 -21.18
CA ARG A 108 9.12 -24.30 -22.29
C ARG A 108 10.44 -25.07 -22.36
N ARG A 109 11.51 -24.42 -21.92
CA ARG A 109 12.82 -25.07 -21.93
C ARG A 109 12.90 -26.14 -20.85
N LEU A 110 12.47 -25.79 -19.64
CA LEU A 110 12.53 -26.71 -18.52
C LEU A 110 11.46 -27.80 -18.47
N ASP A 111 10.31 -27.58 -19.11
CA ASP A 111 9.24 -28.58 -19.07
C ASP A 111 9.66 -30.00 -19.45
N PRO A 112 10.29 -30.17 -20.62
CA PRO A 112 10.69 -31.53 -21.01
C PRO A 112 11.81 -32.08 -20.12
N VAL A 113 12.69 -31.22 -19.65
CA VAL A 113 13.78 -31.66 -18.79
C VAL A 113 13.22 -32.19 -17.48
N ALA A 114 12.27 -31.46 -16.91
CA ALA A 114 11.64 -31.87 -15.66
C ALA A 114 10.91 -33.19 -15.85
N ARG A 115 10.04 -33.26 -16.86
CA ARG A 115 9.27 -34.46 -17.12
C ARG A 115 10.14 -35.67 -17.41
N GLU A 116 11.17 -35.50 -18.23
CA GLU A 116 12.05 -36.61 -18.58
C GLU A 116 12.78 -37.19 -17.38
N HIS A 117 12.97 -36.39 -16.34
CA HIS A 117 13.66 -36.88 -15.15
C HIS A 117 12.72 -37.13 -13.98
N GLY A 118 11.43 -37.17 -14.26
CA GLY A 118 10.42 -37.43 -13.24
C GLY A 118 10.37 -36.43 -12.11
N ALA A 119 10.64 -35.15 -12.42
CA ALA A 119 10.62 -34.12 -11.40
C ALA A 119 9.73 -32.96 -11.81
N ALA A 120 9.43 -32.09 -10.86
CA ALA A 120 8.60 -30.92 -11.13
C ALA A 120 9.37 -29.67 -10.81
N ALA A 121 9.23 -28.66 -11.67
CA ALA A 121 9.90 -27.39 -11.48
C ALA A 121 8.87 -26.29 -11.52
N VAL A 122 8.91 -25.41 -10.51
CA VAL A 122 8.00 -24.27 -10.48
C VAL A 122 8.92 -23.07 -10.60
N ILE A 123 8.77 -22.32 -11.68
CA ILE A 123 9.62 -21.16 -11.92
C ILE A 123 8.94 -19.86 -11.54
N SER A 124 9.75 -18.81 -11.41
CA SER A 124 9.27 -17.47 -11.11
C SER A 124 8.30 -17.44 -9.93
N ALA A 125 8.70 -18.09 -8.85
CA ALA A 125 7.88 -18.18 -7.65
C ALA A 125 8.34 -17.23 -6.54
N GLY A 126 8.27 -15.93 -6.80
CA GLY A 126 8.60 -14.93 -5.80
C GLY A 126 7.29 -14.19 -5.59
N TRP A 127 7.33 -12.89 -5.30
CA TRP A 127 6.06 -12.18 -5.17
C TRP A 127 5.69 -11.48 -6.48
N ASP A 128 6.68 -11.28 -7.35
CA ASP A 128 6.44 -10.68 -8.67
C ASP A 128 7.67 -10.82 -9.56
N PRO A 129 7.66 -11.80 -10.47
CA PRO A 129 6.58 -12.76 -10.67
C PRO A 129 6.34 -13.70 -9.49
N GLY A 130 5.16 -14.31 -9.45
CA GLY A 130 4.82 -15.23 -8.37
C GLY A 130 3.43 -14.97 -7.83
N THR A 131 3.34 -14.60 -6.56
CA THR A 131 2.04 -14.34 -5.96
C THR A 131 1.30 -13.17 -6.64
N ASP A 132 2.03 -12.14 -7.07
CA ASP A 132 1.39 -11.01 -7.75
C ASP A 132 0.77 -11.49 -9.06
N SER A 133 1.38 -12.50 -9.66
CA SER A 133 0.91 -13.04 -10.93
C SER A 133 -0.46 -13.69 -10.71
N ILE A 134 -0.60 -14.42 -9.61
CA ILE A 134 -1.87 -15.05 -9.28
C ILE A 134 -2.91 -13.94 -9.07
N ILE A 135 -2.54 -12.89 -8.35
CA ILE A 135 -3.46 -11.79 -8.09
C ILE A 135 -3.91 -11.16 -9.42
N ARG A 136 -2.98 -10.88 -10.31
CA ARG A 136 -3.33 -10.30 -11.60
C ARG A 136 -4.31 -11.20 -12.33
N ALA A 137 -4.08 -12.51 -12.26
CA ALA A 137 -4.97 -13.47 -12.91
C ALA A 137 -6.39 -13.39 -12.32
N LEU A 138 -6.47 -13.28 -11.00
CA LEU A 138 -7.76 -13.17 -10.32
C LEU A 138 -8.52 -11.92 -10.78
N LEU A 139 -7.87 -10.77 -10.73
CA LEU A 139 -8.49 -9.52 -11.13
C LEU A 139 -8.92 -9.57 -12.60
N GLU A 140 -8.18 -10.32 -13.40
CA GLU A 140 -8.47 -10.44 -14.83
C GLU A 140 -9.78 -11.19 -15.09
N PHE A 141 -10.01 -12.31 -14.41
CA PHE A 141 -11.25 -13.04 -14.64
C PHE A 141 -12.45 -12.51 -13.86
N MET A 142 -12.17 -11.73 -12.82
CA MET A 142 -13.24 -11.12 -12.03
C MET A 142 -13.84 -9.93 -12.80
N ALA A 143 -13.00 -9.26 -13.59
CA ALA A 143 -13.43 -8.12 -14.41
C ALA A 143 -12.62 -8.12 -15.70
N PRO A 144 -12.97 -9.02 -16.64
CA PRO A 144 -12.33 -9.23 -17.96
C PRO A 144 -11.99 -8.01 -18.80
N LYS A 145 -12.79 -6.95 -18.70
CA LYS A 145 -12.53 -5.76 -19.49
C LYS A 145 -12.06 -4.61 -18.61
N GLY A 146 -10.82 -4.20 -18.81
CA GLY A 146 -10.25 -3.12 -18.02
C GLY A 146 -8.73 -3.17 -18.07
N ILE A 147 -8.09 -2.46 -17.16
CA ILE A 147 -6.64 -2.40 -17.11
C ILE A 147 -6.14 -2.54 -15.68
N THR A 148 -5.10 -3.35 -15.50
CA THR A 148 -4.49 -3.55 -14.20
C THR A 148 -3.13 -2.85 -14.17
N TYR A 149 -2.86 -2.11 -13.10
CA TYR A 149 -1.60 -1.42 -12.94
C TYR A 149 -0.87 -1.98 -11.73
N THR A 150 0.40 -2.32 -11.90
CA THR A 150 1.22 -2.84 -10.81
C THR A 150 2.28 -1.79 -10.50
N ASN A 151 2.18 -1.18 -9.32
CA ASN A 151 3.10 -0.12 -8.92
C ASN A 151 4.04 -0.60 -7.80
N PHE A 152 5.34 -0.66 -8.09
CA PHE A 152 6.34 -1.13 -7.14
C PHE A 152 7.03 -0.05 -6.32
N GLY A 153 7.43 -0.43 -5.10
CA GLY A 153 8.17 0.48 -4.23
C GLY A 153 7.36 1.39 -3.31
N PRO A 154 8.05 2.25 -2.55
CA PRO A 154 9.51 2.40 -2.51
C PRO A 154 10.23 1.12 -2.08
N GLY A 155 11.28 0.76 -2.81
CA GLY A 155 12.03 -0.44 -2.47
C GLY A 155 13.28 -0.58 -3.32
N MET A 156 14.31 -1.23 -2.77
CA MET A 156 15.55 -1.42 -3.48
C MET A 156 15.44 -2.44 -4.60
N SER A 157 16.05 -2.15 -5.74
CA SER A 157 16.06 -3.05 -6.87
C SER A 157 17.45 -3.68 -6.96
N MET A 158 17.52 -4.99 -6.75
CA MET A 158 18.80 -5.70 -6.81
C MET A 158 19.45 -5.53 -8.17
N GLY A 159 18.70 -5.83 -9.23
CA GLY A 159 19.20 -5.72 -10.59
C GLY A 159 19.77 -4.35 -10.93
N HIS A 160 19.00 -3.30 -10.66
CA HIS A 160 19.45 -1.95 -10.95
C HIS A 160 20.68 -1.60 -10.10
N SER A 161 20.69 -2.06 -8.85
CA SER A 161 21.80 -1.78 -7.95
C SER A 161 23.10 -2.44 -8.42
N VAL A 162 22.99 -3.68 -8.91
CA VAL A 162 24.16 -4.41 -9.38
C VAL A 162 24.74 -3.71 -10.60
N ALA A 163 23.86 -3.20 -11.45
CA ALA A 163 24.29 -2.50 -12.66
C ALA A 163 25.14 -1.30 -12.31
N VAL A 164 24.76 -0.59 -11.26
CA VAL A 164 25.49 0.59 -10.82
C VAL A 164 26.87 0.21 -10.29
N LYS A 165 26.92 -0.86 -9.50
CA LYS A 165 28.17 -1.33 -8.92
C LYS A 165 29.15 -1.85 -9.97
N ALA A 166 28.62 -2.26 -11.12
CA ALA A 166 29.44 -2.77 -12.21
C ALA A 166 30.21 -1.63 -12.86
N ILE A 167 29.84 -0.41 -12.53
CA ILE A 167 30.50 0.77 -13.08
C ILE A 167 31.78 1.10 -12.32
N PRO A 168 32.90 1.23 -13.04
CA PRO A 168 34.17 1.55 -12.39
C PRO A 168 34.09 2.88 -11.66
N GLY A 169 34.65 2.93 -10.46
CA GLY A 169 34.62 4.17 -9.69
C GLY A 169 33.62 4.13 -8.55
N VAL A 170 32.67 3.21 -8.62
CA VAL A 170 31.66 3.09 -7.57
C VAL A 170 32.06 2.00 -6.59
N ARG A 171 32.19 2.36 -5.32
CA ARG A 171 32.56 1.42 -4.29
C ARG A 171 31.34 0.58 -3.92
N ASP A 172 30.19 1.25 -3.82
CA ASP A 172 28.95 0.59 -3.45
C ASP A 172 27.79 1.49 -3.85
N ALA A 173 26.60 0.92 -3.99
CA ALA A 173 25.43 1.71 -4.38
C ALA A 173 24.14 0.94 -4.27
N LEU A 174 23.02 1.66 -4.25
CA LEU A 174 21.72 1.04 -4.17
C LEU A 174 20.75 1.84 -5.03
N SER A 175 19.92 1.15 -5.78
CA SER A 175 18.94 1.81 -6.64
C SER A 175 17.54 1.59 -6.09
N MET A 176 16.88 2.68 -5.72
CA MET A 176 15.53 2.62 -5.19
C MET A 176 14.50 2.72 -6.31
N THR A 177 13.52 1.82 -6.30
CA THR A 177 12.45 1.83 -7.29
C THR A 177 11.33 2.69 -6.71
N ILE A 178 10.92 3.71 -7.46
CA ILE A 178 9.88 4.63 -7.01
C ILE A 178 8.65 4.61 -7.92
N PRO A 179 7.47 4.36 -7.35
CA PRO A 179 6.23 4.33 -8.14
C PRO A 179 5.78 5.73 -8.55
N ALA A 180 5.59 5.92 -9.86
CA ALA A 180 5.14 7.20 -10.40
C ALA A 180 3.65 7.11 -10.70
N GLY A 181 3.10 5.91 -10.58
CA GLY A 181 1.70 5.70 -10.85
C GLY A 181 1.45 5.13 -12.23
N MET A 182 0.30 4.47 -12.39
CA MET A 182 -0.08 3.88 -13.65
C MET A 182 0.99 2.96 -14.23
N GLY A 183 1.65 2.20 -13.36
CA GLY A 183 2.66 1.26 -13.79
C GLY A 183 3.99 1.86 -14.25
N VAL A 184 4.16 3.16 -14.05
CA VAL A 184 5.40 3.83 -14.44
C VAL A 184 6.28 3.95 -13.19
N HIS A 185 7.59 3.77 -13.36
CA HIS A 185 8.50 3.88 -12.22
C HIS A 185 9.68 4.81 -12.47
N LYS A 186 10.15 5.42 -11.39
CA LYS A 186 11.29 6.33 -11.42
C LYS A 186 12.39 5.65 -10.61
N ARG A 187 13.63 6.06 -10.81
CA ARG A 187 14.75 5.46 -10.09
C ARG A 187 15.50 6.52 -9.28
N ALA A 188 15.83 6.18 -8.04
CA ALA A 188 16.59 7.07 -7.18
C ALA A 188 17.83 6.29 -6.78
N VAL A 189 18.97 6.70 -7.31
CA VAL A 189 20.23 6.01 -7.03
C VAL A 189 21.15 6.74 -6.06
N TYR A 190 21.69 5.98 -5.10
CA TYR A 190 22.59 6.51 -4.11
C TYR A 190 23.91 5.76 -4.32
N VAL A 191 24.98 6.51 -4.56
CA VAL A 191 26.26 5.87 -4.82
C VAL A 191 27.42 6.32 -3.93
N GLU A 192 28.25 5.35 -3.55
CA GLU A 192 29.43 5.59 -2.72
C GLU A 192 30.62 5.40 -3.66
N LEU A 193 31.33 6.49 -3.94
CA LEU A 193 32.47 6.43 -4.85
C LEU A 193 33.78 5.95 -4.28
N GLU A 194 34.58 5.30 -5.12
CA GLU A 194 35.89 4.82 -4.73
C GLU A 194 36.77 6.05 -4.55
N PRO A 195 37.90 5.91 -3.84
CA PRO A 195 38.81 7.04 -3.61
C PRO A 195 39.27 7.69 -4.91
N GLY A 196 38.98 8.98 -5.06
CA GLY A 196 39.40 9.71 -6.25
C GLY A 196 38.59 9.44 -7.50
N ALA A 197 37.36 8.95 -7.35
CA ALA A 197 36.50 8.68 -8.49
C ALA A 197 35.73 9.95 -8.83
N ASP A 198 35.30 10.07 -10.08
CA ASP A 198 34.56 11.26 -10.52
C ASP A 198 33.05 11.02 -10.51
N PHE A 199 32.32 11.85 -9.77
CA PHE A 199 30.87 11.70 -9.67
C PHE A 199 30.14 11.97 -10.98
N ALA A 200 30.45 13.09 -11.62
CA ALA A 200 29.80 13.45 -12.88
C ALA A 200 29.88 12.29 -13.87
N GLU A 201 31.04 11.66 -13.95
CA GLU A 201 31.26 10.53 -14.84
C GLU A 201 30.30 9.39 -14.48
N VAL A 202 30.35 8.98 -13.22
CA VAL A 202 29.51 7.89 -12.74
C VAL A 202 28.03 8.21 -12.96
N GLU A 203 27.63 9.43 -12.60
CA GLU A 203 26.25 9.85 -12.78
C GLU A 203 25.81 9.65 -14.22
N ARG A 204 26.67 10.05 -15.16
CA ARG A 204 26.35 9.89 -16.59
C ARG A 204 26.25 8.41 -16.95
N ALA A 205 27.21 7.62 -16.49
CA ALA A 205 27.22 6.19 -16.77
C ALA A 205 25.95 5.52 -16.28
N ILE A 206 25.39 6.04 -15.18
CA ILE A 206 24.18 5.48 -14.60
C ILE A 206 22.94 5.85 -15.41
N LYS A 207 22.67 7.15 -15.50
CA LYS A 207 21.51 7.65 -16.23
C LYS A 207 21.48 7.22 -17.69
N THR A 208 22.64 6.86 -18.21
CA THR A 208 22.76 6.43 -19.60
C THR A 208 22.68 4.91 -19.76
N ASP A 209 22.91 4.19 -18.68
CA ASP A 209 22.87 2.73 -18.72
C ASP A 209 21.52 2.26 -19.26
N PRO A 210 21.52 1.19 -20.07
CA PRO A 210 20.27 0.67 -20.63
C PRO A 210 19.22 0.27 -19.59
N TYR A 211 19.64 0.07 -18.34
CA TYR A 211 18.71 -0.31 -17.28
C TYR A 211 18.05 0.92 -16.67
N PHE A 212 18.55 2.11 -17.02
CA PHE A 212 18.02 3.36 -16.48
C PHE A 212 17.52 4.35 -17.53
N VAL A 213 18.14 4.32 -18.71
CA VAL A 213 17.81 5.24 -19.79
C VAL A 213 16.31 5.49 -20.05
N ARG A 214 15.49 4.46 -19.93
CA ARG A 214 14.06 4.59 -20.18
C ARG A 214 13.26 5.22 -19.04
N ASP A 215 13.84 5.27 -17.83
CA ASP A 215 13.13 5.84 -16.68
C ASP A 215 13.77 7.11 -16.14
N GLU A 216 12.96 7.95 -15.53
CA GLU A 216 13.45 9.18 -14.93
C GLU A 216 14.37 8.72 -13.80
N THR A 217 15.62 9.16 -13.84
CA THR A 217 16.59 8.74 -12.84
C THR A 217 17.34 9.90 -12.16
N ARG A 218 17.49 9.80 -10.85
CA ARG A 218 18.20 10.81 -10.08
C ARG A 218 19.32 10.11 -9.33
N VAL A 219 20.51 10.71 -9.32
CA VAL A 219 21.66 10.11 -8.65
C VAL A 219 22.21 11.04 -7.57
N THR A 220 22.46 10.47 -6.39
CA THR A 220 23.00 11.23 -5.28
C THR A 220 24.22 10.52 -4.70
N GLN A 221 25.27 11.28 -4.42
CA GLN A 221 26.47 10.70 -3.84
C GLN A 221 26.35 10.74 -2.33
N VAL A 222 26.68 9.63 -1.68
CA VAL A 222 26.60 9.53 -0.23
C VAL A 222 27.90 9.03 0.35
N GLU A 223 28.12 9.34 1.63
CA GLU A 223 29.34 8.92 2.32
C GLU A 223 29.34 7.39 2.50
N SER A 224 28.17 6.84 2.77
CA SER A 224 28.03 5.40 2.97
C SER A 224 26.69 4.89 2.47
N VAL A 225 26.72 3.85 1.65
CA VAL A 225 25.51 3.25 1.11
C VAL A 225 24.92 2.22 2.07
N SER A 226 25.77 1.48 2.77
CA SER A 226 25.30 0.48 3.72
C SER A 226 24.42 1.12 4.78
N ALA A 227 24.63 2.42 5.03
CA ALA A 227 23.86 3.16 6.01
C ALA A 227 22.46 3.51 5.51
N LEU A 228 22.21 3.25 4.22
CA LEU A 228 20.92 3.56 3.62
C LEU A 228 20.19 2.28 3.18
N MET A 229 20.87 1.15 3.30
CA MET A 229 20.33 -0.14 2.88
C MET A 229 19.20 -0.76 3.73
N ASP A 230 18.08 -1.02 3.08
CA ASP A 230 16.91 -1.65 3.73
C ASP A 230 16.27 -2.54 2.65
N VAL A 231 15.96 -3.78 3.00
CA VAL A 231 15.40 -4.70 2.01
C VAL A 231 13.87 -4.71 1.94
N GLY A 232 13.24 -3.72 2.57
CA GLY A 232 11.79 -3.65 2.53
C GLY A 232 11.36 -3.26 1.13
N HIS A 233 10.16 -3.66 0.74
CA HIS A 233 9.65 -3.32 -0.58
C HIS A 233 8.14 -3.36 -0.51
N GLY A 234 7.48 -3.08 -1.64
CA GLY A 234 6.03 -3.10 -1.62
C GLY A 234 5.42 -3.00 -3.00
N VAL A 235 4.10 -3.12 -3.04
CA VAL A 235 3.40 -3.02 -4.30
C VAL A 235 1.96 -2.60 -4.07
N VAL A 236 1.43 -1.93 -5.09
CA VAL A 236 0.04 -1.51 -5.08
C VAL A 236 -0.45 -1.94 -6.45
N MET A 237 -1.37 -2.89 -6.48
CA MET A 237 -1.95 -3.39 -7.71
C MET A 237 -3.39 -2.90 -7.75
N GLU A 238 -3.78 -2.27 -8.84
CA GLU A 238 -5.14 -1.76 -8.95
C GLU A 238 -5.79 -2.09 -10.29
N ARG A 239 -7.09 -2.35 -10.26
CA ARG A 239 -7.83 -2.62 -11.48
C ARG A 239 -9.20 -1.98 -11.39
N LYS A 240 -9.62 -1.38 -12.49
CA LYS A 240 -10.94 -0.77 -12.60
C LYS A 240 -11.47 -1.45 -13.85
N GLY A 241 -12.43 -2.35 -13.68
CA GLY A 241 -12.95 -3.06 -14.83
C GLY A 241 -14.41 -3.44 -14.84
N VAL A 242 -14.78 -4.15 -15.91
CA VAL A 242 -16.14 -4.60 -16.13
C VAL A 242 -16.37 -6.06 -15.77
N SER A 243 -17.30 -6.31 -14.87
CA SER A 243 -17.67 -7.68 -14.50
C SER A 243 -18.92 -7.90 -15.35
N GLY A 244 -18.84 -8.81 -16.32
CA GLY A 244 -19.97 -9.07 -17.18
C GLY A 244 -20.17 -7.85 -18.07
N ALA A 245 -21.20 -7.06 -17.77
CA ALA A 245 -21.49 -5.83 -18.52
C ALA A 245 -21.58 -4.66 -17.54
N THR A 246 -21.17 -4.91 -16.31
CA THR A 246 -21.22 -3.90 -15.25
C THR A 246 -19.86 -3.26 -15.05
N HIS A 247 -19.75 -1.98 -15.39
CA HIS A 247 -18.51 -1.23 -15.31
C HIS A 247 -18.14 -0.69 -13.94
N ASN A 248 -16.92 -0.17 -13.87
CA ASN A 248 -16.36 0.45 -12.66
C ASN A 248 -16.22 -0.44 -11.43
N GLN A 249 -15.87 -1.71 -11.63
CA GLN A 249 -15.64 -2.61 -10.50
C GLN A 249 -14.24 -2.18 -10.03
N LEU A 250 -14.07 -1.90 -8.74
CA LEU A 250 -12.77 -1.43 -8.23
C LEU A 250 -12.05 -2.42 -7.33
N PHE A 251 -10.78 -2.68 -7.65
CA PHE A 251 -9.96 -3.64 -6.88
C PHE A 251 -8.61 -3.03 -6.52
N ARG A 252 -8.12 -3.31 -5.32
CA ARG A 252 -6.82 -2.80 -4.90
C ARG A 252 -6.12 -3.76 -3.95
N PHE A 253 -4.86 -4.05 -4.23
CA PHE A 253 -4.06 -4.94 -3.39
C PHE A 253 -2.77 -4.22 -3.06
N GLU A 254 -2.44 -4.14 -1.78
CA GLU A 254 -1.21 -3.50 -1.36
C GLU A 254 -0.44 -4.38 -0.40
N MET A 255 0.88 -4.26 -0.47
CA MET A 255 1.77 -5.08 0.34
C MET A 255 2.98 -4.22 0.75
N ARG A 256 3.40 -4.33 2.02
CA ARG A 256 4.58 -3.63 2.53
C ARG A 256 5.29 -4.76 3.26
N ILE A 257 6.36 -5.26 2.65
CA ILE A 257 7.05 -6.42 3.16
C ILE A 257 8.57 -6.43 3.02
N ASN A 258 9.18 -7.42 3.66
CA ASN A 258 10.62 -7.62 3.58
C ASN A 258 10.73 -8.43 2.28
N ASN A 259 11.39 -7.86 1.29
CA ASN A 259 11.53 -8.49 -0.02
C ASN A 259 12.08 -9.93 0.00
N PRO A 260 13.35 -10.12 0.37
CA PRO A 260 13.88 -11.48 0.39
C PRO A 260 13.15 -12.46 1.33
N ALA A 261 12.62 -11.96 2.44
CA ALA A 261 11.88 -12.82 3.37
C ALA A 261 10.63 -13.42 2.72
N LEU A 262 9.87 -12.57 2.03
CA LEU A 262 8.65 -13.02 1.37
C LEU A 262 8.97 -13.97 0.21
N THR A 263 9.95 -13.57 -0.61
CA THR A 263 10.36 -14.36 -1.76
C THR A 263 10.72 -15.78 -1.33
N ALA A 264 11.53 -15.88 -0.28
CA ALA A 264 11.95 -17.19 0.22
C ALA A 264 10.77 -18.02 0.72
N GLN A 265 9.82 -17.37 1.40
CA GLN A 265 8.66 -18.08 1.91
C GLN A 265 7.78 -18.58 0.76
N VAL A 266 7.60 -17.76 -0.28
CA VAL A 266 6.79 -18.18 -1.41
C VAL A 266 7.48 -19.35 -2.11
N MET A 267 8.81 -19.30 -2.21
CA MET A 267 9.55 -20.36 -2.85
C MET A 267 9.32 -21.68 -2.10
N VAL A 268 9.32 -21.60 -0.78
CA VAL A 268 9.08 -22.78 0.05
C VAL A 268 7.71 -23.36 -0.28
N ALA A 269 6.69 -22.51 -0.30
CA ALA A 269 5.34 -22.95 -0.60
C ALA A 269 5.25 -23.56 -2.00
N ALA A 270 5.97 -22.96 -2.94
CA ALA A 270 5.97 -23.44 -4.32
C ALA A 270 6.68 -24.79 -4.46
N LEU A 271 7.70 -25.03 -3.63
CA LEU A 271 8.42 -26.29 -3.68
C LEU A 271 7.51 -27.38 -3.14
N ARG A 272 6.74 -27.01 -2.12
CA ARG A 272 5.78 -27.91 -1.51
C ARG A 272 4.79 -28.34 -2.59
N ALA A 273 4.34 -27.37 -3.37
CA ALA A 273 3.40 -27.63 -4.46
C ALA A 273 4.07 -28.47 -5.55
N ALA A 274 5.33 -28.17 -5.86
CA ALA A 274 6.06 -28.90 -6.88
C ALA A 274 6.05 -30.40 -6.61
N ALA A 275 6.32 -30.77 -5.38
CA ALA A 275 6.36 -32.18 -4.98
C ALA A 275 5.02 -32.88 -5.20
N ARG A 276 3.96 -32.11 -5.38
CA ARG A 276 2.62 -32.66 -5.58
C ARG A 276 2.15 -32.69 -7.04
N GLN A 277 2.97 -32.15 -7.94
CA GLN A 277 2.58 -32.09 -9.35
C GLN A 277 3.11 -33.23 -10.20
N LYS A 278 2.50 -33.41 -11.37
CA LYS A 278 2.96 -34.41 -12.31
C LYS A 278 4.26 -33.80 -12.83
N PRO A 279 5.24 -34.64 -13.23
CA PRO A 279 6.50 -34.09 -13.73
C PRO A 279 6.31 -33.08 -14.85
N GLY A 280 7.08 -32.01 -14.80
CA GLY A 280 6.99 -30.96 -15.81
C GLY A 280 7.32 -29.62 -15.19
N CYS A 281 7.17 -28.54 -15.95
CA CYS A 281 7.46 -27.21 -15.44
C CYS A 281 6.20 -26.35 -15.34
N TYR A 282 6.07 -25.64 -14.23
CA TYR A 282 4.88 -24.80 -13.97
C TYR A 282 5.19 -23.38 -13.47
N THR A 283 4.30 -22.44 -13.79
CA THR A 283 4.43 -21.08 -13.26
C THR A 283 3.40 -21.15 -12.12
N MET A 284 3.40 -20.19 -11.21
CA MET A 284 2.46 -20.25 -10.09
C MET A 284 0.97 -20.22 -10.42
N ILE A 285 0.60 -19.76 -11.62
CA ILE A 285 -0.82 -19.70 -11.96
C ILE A 285 -1.29 -21.03 -12.56
N GLU A 286 -0.40 -22.02 -12.60
CA GLU A 286 -0.74 -23.33 -13.15
C GLU A 286 -0.89 -24.39 -12.08
N ILE A 287 -0.95 -23.94 -10.83
CA ILE A 287 -1.06 -24.84 -9.69
C ILE A 287 -2.25 -24.48 -8.80
N PRO A 288 -3.07 -25.47 -8.39
CA PRO A 288 -4.19 -25.12 -7.52
C PRO A 288 -3.63 -24.52 -6.23
N VAL A 289 -4.16 -23.37 -5.84
CA VAL A 289 -3.69 -22.66 -4.66
C VAL A 289 -3.58 -23.50 -3.39
N ILE A 290 -4.46 -24.49 -3.24
CA ILE A 290 -4.43 -25.33 -2.05
C ILE A 290 -3.15 -26.19 -1.99
N ASP A 291 -2.53 -26.44 -3.14
CA ASP A 291 -1.31 -27.24 -3.17
C ASP A 291 -0.13 -26.48 -2.52
N TYR A 292 -0.32 -25.19 -2.27
CA TYR A 292 0.71 -24.37 -1.64
C TYR A 292 0.62 -24.45 -0.11
N LEU A 293 -0.45 -25.07 0.38
CA LEU A 293 -0.68 -25.21 1.82
C LEU A 293 -0.30 -26.60 2.30
N PRO A 294 0.39 -26.70 3.44
CA PRO A 294 0.81 -27.99 4.01
C PRO A 294 -0.32 -28.86 4.56
N GLY A 295 -0.18 -30.17 4.43
CA GLY A 295 -1.17 -31.09 4.95
C GLY A 295 -2.38 -31.33 4.09
N ASP A 296 -3.34 -32.09 4.63
CA ASP A 296 -4.57 -32.44 3.93
C ASP A 296 -5.42 -31.23 3.53
N ARG A 297 -6.09 -31.36 2.40
CA ARG A 297 -6.93 -30.31 1.86
C ARG A 297 -8.17 -29.96 2.69
N GLU A 298 -8.85 -30.98 3.19
CA GLU A 298 -10.07 -30.81 3.98
C GLU A 298 -10.01 -29.69 5.01
N ALA A 299 -9.02 -29.75 5.90
CA ALA A 299 -8.88 -28.74 6.95
C ALA A 299 -8.76 -27.32 6.39
N TRP A 300 -8.01 -27.16 5.32
CA TRP A 300 -7.85 -25.83 4.71
C TRP A 300 -9.12 -25.33 4.06
N ILE A 301 -9.90 -26.24 3.48
CA ILE A 301 -11.15 -25.85 2.83
C ILE A 301 -12.13 -25.31 3.88
N ARG A 302 -12.27 -26.03 4.99
CA ARG A 302 -13.18 -25.60 6.05
C ARG A 302 -12.70 -24.30 6.68
N LYS A 303 -11.40 -24.14 6.74
CA LYS A 303 -10.79 -22.98 7.37
C LYS A 303 -10.71 -21.70 6.52
N LEU A 304 -10.44 -21.85 5.22
CA LEU A 304 -10.27 -20.68 4.36
C LEU A 304 -11.38 -20.31 3.38
N VAL A 305 -12.12 -21.29 2.88
CA VAL A 305 -13.14 -20.99 1.88
C VAL A 305 -14.37 -20.24 2.40
N LYS B 9 7.70 34.80 35.77
CA LYS B 9 7.43 34.74 34.30
C LYS B 9 8.54 35.39 33.49
N LEU B 10 8.88 34.76 32.37
CA LEU B 10 9.93 35.28 31.50
C LEU B 10 9.41 36.53 30.79
N ARG B 11 10.16 37.63 30.89
CA ARG B 11 9.76 38.87 30.23
C ARG B 11 10.23 38.80 28.78
N VAL B 12 9.27 38.79 27.88
CA VAL B 12 9.56 38.65 26.46
C VAL B 12 9.11 39.79 25.55
N ALA B 13 9.86 39.98 24.48
CA ALA B 13 9.56 41.00 23.49
C ALA B 13 9.48 40.37 22.11
N VAL B 14 8.52 40.82 21.32
CA VAL B 14 8.38 40.32 19.96
C VAL B 14 9.10 41.34 19.08
N VAL B 15 10.16 40.90 18.40
CA VAL B 15 10.91 41.79 17.53
C VAL B 15 10.57 41.53 16.08
N GLY B 16 9.97 42.52 15.44
CA GLY B 16 9.56 42.40 14.06
C GLY B 16 8.08 42.10 14.05
N TYR B 17 7.32 42.77 13.19
CA TYR B 17 5.90 42.52 13.16
C TYR B 17 5.36 42.23 11.77
N GLY B 18 5.30 40.93 11.45
CA GLY B 18 4.79 40.48 10.17
C GLY B 18 3.88 39.29 10.45
N ASN B 19 3.78 38.36 9.51
CA ASN B 19 2.94 37.19 9.73
C ASN B 19 3.33 36.55 11.05
N VAL B 20 4.45 35.85 11.06
CA VAL B 20 4.93 35.19 12.27
C VAL B 20 4.83 36.15 13.46
N GLY B 21 5.06 37.44 13.19
CA GLY B 21 4.98 38.44 14.23
C GLY B 21 3.62 38.55 14.89
N ARG B 22 2.56 38.75 14.11
CA ARG B 22 1.22 38.85 14.68
C ARG B 22 0.86 37.55 15.36
N TYR B 23 1.33 36.44 14.80
CA TYR B 23 1.09 35.14 15.39
C TYR B 23 1.97 34.99 16.61
N ALA B 24 3.12 35.66 16.58
CA ALA B 24 4.07 35.64 17.70
C ALA B 24 3.42 36.34 18.90
N LEU B 25 2.71 37.42 18.62
CA LEU B 25 2.01 38.17 19.67
C LEU B 25 1.04 37.25 20.39
N GLU B 26 0.23 36.52 19.61
CA GLU B 26 -0.77 35.61 20.17
C GLU B 26 -0.11 34.44 20.91
N ALA B 27 1.00 33.95 20.38
CA ALA B 27 1.70 32.83 21.01
C ALA B 27 2.21 33.23 22.39
N VAL B 28 2.78 34.43 22.50
CA VAL B 28 3.28 34.91 23.78
C VAL B 28 2.14 35.18 24.77
N GLN B 29 1.11 35.86 24.31
CA GLN B 29 -0.02 36.18 25.19
C GLN B 29 -0.67 34.91 25.71
N ALA B 30 -0.60 33.83 24.95
CA ALA B 30 -1.20 32.55 25.35
C ALA B 30 -0.30 31.69 26.24
N ALA B 31 0.98 32.07 26.36
CA ALA B 31 1.93 31.32 27.18
C ALA B 31 1.66 31.58 28.66
N PRO B 32 1.56 30.51 29.47
CA PRO B 32 1.31 30.65 30.91
C PRO B 32 2.52 31.11 31.73
N ASP B 33 3.71 30.96 31.16
CA ASP B 33 4.94 31.32 31.86
C ASP B 33 5.66 32.54 31.29
N MET B 34 4.95 33.35 30.52
CA MET B 34 5.58 34.52 29.93
C MET B 34 4.78 35.81 30.09
N GLU B 35 5.50 36.91 30.11
CA GLU B 35 4.90 38.23 30.23
C GLU B 35 5.37 39.04 29.03
N LEU B 36 4.44 39.45 28.17
CA LEU B 36 4.79 40.23 27.00
C LEU B 36 5.08 41.67 27.41
N VAL B 37 6.33 42.09 27.28
CA VAL B 37 6.69 43.45 27.63
C VAL B 37 6.26 44.39 26.50
N GLY B 38 6.38 43.92 25.27
CA GLY B 38 5.99 44.75 24.15
C GLY B 38 6.49 44.25 22.81
N VAL B 39 6.22 45.03 21.78
CA VAL B 39 6.63 44.70 20.42
C VAL B 39 7.58 45.73 19.86
N VAL B 40 8.64 45.26 19.22
CA VAL B 40 9.61 46.15 18.59
C VAL B 40 9.38 46.07 17.08
N ARG B 41 9.11 47.20 16.46
CA ARG B 41 8.89 47.22 15.03
C ARG B 41 9.40 48.51 14.40
N ARG B 42 9.69 48.45 13.10
CA ARG B 42 10.21 49.58 12.35
C ARG B 42 9.27 50.78 12.25
N LYS B 43 7.97 50.51 12.21
CA LYS B 43 6.99 51.58 12.07
C LYS B 43 5.90 51.61 13.13
N VAL B 44 5.73 52.78 13.75
CA VAL B 44 4.72 52.95 14.78
C VAL B 44 3.83 54.14 14.42
N LEU B 45 2.70 53.84 13.78
CA LEU B 45 1.75 54.88 13.36
C LEU B 45 0.85 55.35 14.49
N ALA B 46 0.28 56.54 14.31
CA ALA B 46 -0.62 57.12 15.29
C ALA B 46 -1.87 56.27 15.39
N ALA B 47 -2.29 55.71 14.26
CA ALA B 47 -3.47 54.85 14.21
C ALA B 47 -3.06 53.45 14.64
N THR B 48 -3.12 53.20 15.94
CA THR B 48 -2.74 51.91 16.51
C THR B 48 -3.58 50.75 15.98
N PRO B 49 -2.92 49.74 15.37
CA PRO B 49 -3.65 48.58 14.85
C PRO B 49 -4.47 47.94 15.97
N PRO B 50 -5.67 47.44 15.65
CA PRO B 50 -6.56 46.81 16.62
C PRO B 50 -5.94 45.81 17.60
N GLU B 51 -5.26 44.79 17.09
CA GLU B 51 -4.64 43.78 17.95
C GLU B 51 -3.52 44.32 18.84
N LEU B 52 -2.95 45.47 18.46
CA LEU B 52 -1.87 46.06 19.24
C LEU B 52 -2.39 47.05 20.27
N THR B 53 -3.70 47.14 20.40
CA THR B 53 -4.32 48.03 21.37
C THR B 53 -3.93 47.50 22.75
N GLY B 54 -3.45 48.38 23.61
CA GLY B 54 -3.06 47.93 24.94
C GLY B 54 -1.69 47.29 24.99
N VAL B 55 -0.99 47.30 23.87
CA VAL B 55 0.35 46.72 23.80
C VAL B 55 1.39 47.79 23.53
N ARG B 56 2.49 47.76 24.28
CA ARG B 56 3.55 48.73 24.09
C ARG B 56 4.31 48.41 22.81
N VAL B 57 4.37 49.39 21.91
CA VAL B 57 5.06 49.22 20.63
C VAL B 57 6.10 50.31 20.46
N VAL B 58 7.35 49.90 20.27
CA VAL B 58 8.45 50.84 20.11
C VAL B 58 9.39 50.42 18.99
N THR B 59 10.28 51.32 18.59
CA THR B 59 11.22 51.05 17.50
C THR B 59 12.55 50.44 17.94
N ASP B 60 12.83 50.46 19.24
CA ASP B 60 14.08 49.89 19.73
C ASP B 60 13.84 49.13 21.03
N ILE B 61 14.45 47.94 21.14
CA ILE B 61 14.26 47.11 22.31
C ILE B 61 14.69 47.79 23.61
N SER B 62 15.57 48.78 23.51
CA SER B 62 16.02 49.49 24.72
C SER B 62 14.86 50.25 25.36
N GLN B 63 13.78 50.45 24.62
CA GLN B 63 12.63 51.16 25.16
C GLN B 63 11.61 50.22 25.80
N LEU B 64 11.97 48.95 25.90
CA LEU B 64 11.12 47.96 26.55
C LEU B 64 11.83 47.63 27.86
N GLU B 65 11.10 47.65 28.97
CA GLU B 65 11.69 47.41 30.28
C GLU B 65 11.97 45.96 30.69
N GLY B 66 13.20 45.72 31.13
CA GLY B 66 13.62 44.41 31.59
C GLY B 66 13.29 43.22 30.72
N VAL B 67 13.58 43.32 29.42
CA VAL B 67 13.31 42.21 28.52
C VAL B 67 14.37 41.15 28.74
N GLN B 68 13.93 39.91 28.93
CA GLN B 68 14.84 38.79 29.16
C GLN B 68 15.01 37.91 27.93
N GLY B 69 13.99 37.85 27.09
CA GLY B 69 14.05 37.04 25.89
C GLY B 69 13.37 37.73 24.73
N ALA B 70 13.82 37.42 23.51
CA ALA B 70 13.24 38.04 22.33
C ALA B 70 12.98 37.07 21.20
N LEU B 71 11.83 37.21 20.57
CA LEU B 71 11.49 36.37 19.42
C LEU B 71 11.86 37.22 18.23
N LEU B 72 12.81 36.74 17.44
CA LEU B 72 13.26 37.45 16.25
C LEU B 72 12.38 37.09 15.06
N CYS B 73 11.32 37.86 14.87
CA CYS B 73 10.38 37.63 13.78
C CYS B 73 10.71 38.54 12.59
N VAL B 74 11.93 38.43 12.11
CA VAL B 74 12.41 39.22 10.99
C VAL B 74 12.79 38.30 9.84
N PRO B 75 13.00 38.85 8.64
CA PRO B 75 13.39 38.02 7.49
C PRO B 75 14.65 37.22 7.76
N THR B 76 14.74 36.04 7.16
CA THR B 76 15.89 35.17 7.33
C THR B 76 17.23 35.87 7.17
N ARG B 77 17.37 36.69 6.13
CA ARG B 77 18.62 37.40 5.89
C ARG B 77 18.98 38.38 7.01
N SER B 78 17.98 38.79 7.78
CA SER B 78 18.20 39.73 8.87
C SER B 78 18.45 39.06 10.22
N VAL B 79 18.21 37.75 10.29
CA VAL B 79 18.39 37.02 11.54
C VAL B 79 19.79 37.04 12.18
N PRO B 80 20.84 36.76 11.40
CA PRO B 80 22.20 36.76 11.96
C PRO B 80 22.57 38.04 12.71
N GLU B 81 22.37 39.18 12.05
CA GLU B 81 22.70 40.48 12.67
C GLU B 81 21.79 40.79 13.85
N TYR B 82 20.50 40.49 13.73
CA TYR B 82 19.56 40.76 14.81
C TYR B 82 19.88 39.90 16.02
N ALA B 83 20.18 38.63 15.79
CA ALA B 83 20.51 37.71 16.87
C ALA B 83 21.74 38.22 17.62
N GLU B 84 22.79 38.60 16.89
CA GLU B 84 24.00 39.09 17.51
C GLU B 84 23.72 40.36 18.32
N ALA B 85 22.91 41.25 17.75
CA ALA B 85 22.56 42.51 18.41
C ALA B 85 21.86 42.28 19.74
N MET B 86 20.88 41.39 19.76
CA MET B 86 20.15 41.12 20.99
C MET B 86 21.01 40.36 22.00
N LEU B 87 21.77 39.38 21.52
CA LEU B 87 22.63 38.62 22.42
C LEU B 87 23.64 39.53 23.11
N ARG B 88 24.20 40.47 22.35
CA ARG B 88 25.18 41.40 22.92
C ARG B 88 24.55 42.28 24.01
N ARG B 89 23.24 42.22 24.15
CA ARG B 89 22.54 42.99 25.17
C ARG B 89 22.25 42.09 26.37
N GLY B 90 22.57 40.80 26.21
CA GLY B 90 22.33 39.85 27.29
C GLY B 90 20.92 39.30 27.24
N ILE B 91 20.27 39.43 26.08
CA ILE B 91 18.91 38.96 25.90
C ILE B 91 18.89 37.61 25.17
N HIS B 92 18.18 36.64 25.72
CA HIS B 92 18.08 35.32 25.08
C HIS B 92 17.33 35.54 23.77
N THR B 93 17.65 34.75 22.74
CA THR B 93 16.98 34.91 21.46
C THR B 93 16.52 33.62 20.83
N VAL B 94 15.49 33.73 20.00
CA VAL B 94 14.97 32.59 19.27
C VAL B 94 14.62 33.10 17.88
N ASP B 95 14.88 32.28 16.88
CA ASP B 95 14.59 32.65 15.50
C ASP B 95 14.21 31.36 14.79
N SER B 96 13.70 31.48 13.57
CA SER B 96 13.36 30.30 12.79
C SER B 96 14.14 30.31 11.48
N TYR B 97 15.39 30.77 11.56
CA TYR B 97 16.29 30.84 10.40
C TYR B 97 16.10 29.54 9.61
N ASP B 98 15.67 29.66 8.35
CA ASP B 98 15.38 28.45 7.58
C ASP B 98 16.32 27.97 6.47
N ILE B 99 17.58 28.38 6.50
CA ILE B 99 18.51 27.92 5.47
C ILE B 99 19.28 26.71 5.98
N HIS B 100 18.82 25.52 5.59
CA HIS B 100 19.45 24.26 6.00
C HIS B 100 20.93 24.21 5.66
N GLY B 101 21.29 24.81 4.52
CA GLY B 101 22.66 24.80 4.06
C GLY B 101 23.73 25.39 4.97
N ASP B 102 23.40 26.43 5.72
CA ASP B 102 24.40 27.06 6.59
C ASP B 102 23.96 27.40 7.99
N LEU B 103 22.84 26.86 8.46
CA LEU B 103 22.40 27.16 9.81
C LEU B 103 23.44 26.61 10.79
N ALA B 104 24.18 25.60 10.37
CA ALA B 104 25.23 25.03 11.21
C ALA B 104 26.33 26.07 11.41
N ASP B 105 26.57 26.86 10.38
CA ASP B 105 27.58 27.90 10.45
C ASP B 105 27.06 29.06 11.29
N LEU B 106 25.75 29.26 11.27
CA LEU B 106 25.14 30.33 12.07
C LEU B 106 25.32 29.96 13.55
N ARG B 107 25.11 28.68 13.84
CA ARG B 107 25.26 28.18 15.21
C ARG B 107 26.68 28.43 15.72
N ARG B 108 27.65 28.18 14.85
CA ARG B 108 29.07 28.35 15.18
C ARG B 108 29.39 29.82 15.44
N ARG B 109 28.77 30.70 14.67
CA ARG B 109 28.98 32.13 14.80
C ARG B 109 28.38 32.69 16.07
N LEU B 110 27.13 32.33 16.35
CA LEU B 110 26.44 32.84 17.53
C LEU B 110 26.83 32.22 18.88
N ASP B 111 27.34 30.99 18.87
CA ASP B 111 27.69 30.33 20.13
C ASP B 111 28.58 31.15 21.06
N PRO B 112 29.71 31.67 20.56
CA PRO B 112 30.58 32.46 21.44
C PRO B 112 29.97 33.82 21.82
N VAL B 113 29.19 34.39 20.91
CA VAL B 113 28.56 35.67 21.19
C VAL B 113 27.56 35.52 22.32
N ALA B 114 26.78 34.44 22.26
CA ALA B 114 25.79 34.18 23.29
C ALA B 114 26.47 33.91 24.62
N ARG B 115 27.43 32.99 24.62
CA ARG B 115 28.14 32.64 25.84
C ARG B 115 28.85 33.84 26.47
N GLU B 116 29.53 34.63 25.65
CA GLU B 116 30.26 35.80 26.15
C GLU B 116 29.35 36.81 26.82
N HIS B 117 28.08 36.85 26.43
CA HIS B 117 27.16 37.80 27.03
C HIS B 117 26.17 37.16 28.01
N GLY B 118 26.48 35.93 28.41
CA GLY B 118 25.64 35.21 29.36
C GLY B 118 24.22 34.95 28.93
N ALA B 119 24.02 34.72 27.64
CA ALA B 119 22.68 34.46 27.13
C ALA B 119 22.66 33.19 26.30
N ALA B 120 21.46 32.72 25.98
CA ALA B 120 21.30 31.53 25.16
C ALA B 120 20.51 31.86 23.92
N ALA B 121 20.92 31.28 22.81
CA ALA B 121 20.25 31.50 21.54
C ALA B 121 19.87 30.14 20.96
N VAL B 122 18.63 30.02 20.53
CA VAL B 122 18.17 28.79 19.90
C VAL B 122 17.80 29.23 18.49
N ILE B 123 18.52 28.72 17.51
CA ILE B 123 18.28 29.09 16.13
C ILE B 123 17.45 28.05 15.38
N SER B 124 16.95 28.45 14.23
CA SER B 124 16.17 27.58 13.35
C SER B 124 15.08 26.81 14.11
N ALA B 125 14.34 27.53 14.94
CA ALA B 125 13.27 26.94 15.73
C ALA B 125 11.87 27.18 15.15
N GLY B 126 11.64 26.66 13.96
CA GLY B 126 10.33 26.76 13.32
C GLY B 126 9.85 25.31 13.26
N TRP B 127 9.12 24.93 12.21
CA TRP B 127 8.72 23.54 12.11
C TRP B 127 9.65 22.78 11.16
N ASP B 128 10.38 23.53 10.33
CA ASP B 128 11.37 22.93 9.43
C ASP B 128 12.22 24.01 8.76
N PRO B 129 13.44 24.24 9.28
CA PRO B 129 14.01 23.53 10.44
C PRO B 129 13.26 23.78 11.74
N GLY B 130 13.45 22.89 12.71
CA GLY B 130 12.80 23.03 14.00
C GLY B 130 12.25 21.70 14.50
N THR B 131 10.94 21.63 14.68
CA THR B 131 10.32 20.40 15.15
C THR B 131 10.50 19.24 14.16
N ASP B 132 10.51 19.51 12.86
CA ASP B 132 10.72 18.45 11.88
C ASP B 132 12.13 17.88 12.04
N SER B 133 13.06 18.73 12.47
CA SER B 133 14.44 18.30 12.65
C SER B 133 14.50 17.27 13.79
N ILE B 134 13.75 17.53 14.85
CA ILE B 134 13.70 16.61 15.97
C ILE B 134 13.12 15.28 15.47
N ILE B 135 12.03 15.37 14.71
CA ILE B 135 11.40 14.15 14.19
C ILE B 135 12.38 13.36 13.33
N ARG B 136 13.11 14.05 12.45
CA ARG B 136 14.08 13.37 11.60
C ARG B 136 15.14 12.68 12.46
N ALA B 137 15.52 13.31 13.57
CA ALA B 137 16.52 12.71 14.45
C ALA B 137 15.97 11.45 15.12
N LEU B 138 14.70 11.49 15.51
CA LEU B 138 14.07 10.33 16.13
C LEU B 138 14.05 9.15 15.16
N LEU B 139 13.55 9.39 13.95
CA LEU B 139 13.49 8.35 12.93
C LEU B 139 14.87 7.79 12.61
N GLU B 140 15.89 8.65 12.71
CA GLU B 140 17.25 8.27 12.42
C GLU B 140 17.80 7.26 13.43
N PHE B 141 17.56 7.49 14.73
CA PHE B 141 18.08 6.54 15.71
C PHE B 141 17.17 5.34 15.97
N MET B 142 15.91 5.45 15.59
CA MET B 142 14.97 4.35 15.74
C MET B 142 15.25 3.29 14.67
N ALA B 143 15.70 3.73 13.50
CA ALA B 143 16.03 2.82 12.39
C ALA B 143 17.22 3.46 11.63
N PRO B 144 18.44 3.32 12.17
CA PRO B 144 19.72 3.82 11.66
C PRO B 144 20.06 3.61 10.18
N LYS B 145 19.59 2.51 9.61
CA LYS B 145 19.86 2.22 8.21
C LYS B 145 18.61 2.40 7.38
N GLY B 146 18.63 3.38 6.48
CA GLY B 146 17.48 3.65 5.65
C GLY B 146 17.51 5.07 5.11
N ILE B 147 16.38 5.52 4.60
CA ILE B 147 16.28 6.85 4.01
C ILE B 147 15.00 7.56 4.47
N THR B 148 15.15 8.82 4.86
CA THR B 148 14.00 9.62 5.27
C THR B 148 13.66 10.63 4.18
N TYR B 149 12.38 10.76 3.86
CA TYR B 149 11.94 11.70 2.86
C TYR B 149 11.01 12.72 3.51
N THR B 150 11.27 14.00 3.26
CA THR B 150 10.45 15.08 3.81
C THR B 150 9.73 15.74 2.64
N ASN B 151 8.41 15.59 2.59
CA ASN B 151 7.61 16.13 1.50
C ASN B 151 6.74 17.31 1.96
N PHE B 152 7.03 18.50 1.44
CA PHE B 152 6.32 19.72 1.82
C PHE B 152 5.13 20.09 0.93
N GLY B 153 4.15 20.76 1.52
CA GLY B 153 2.99 21.21 0.77
C GLY B 153 1.80 20.28 0.67
N PRO B 154 0.73 20.72 -0.02
CA PRO B 154 0.62 22.02 -0.68
C PRO B 154 0.69 23.19 0.31
N GLY B 155 1.48 24.20 -0.04
CA GLY B 155 1.62 25.36 0.82
C GLY B 155 2.45 26.44 0.15
N MET B 156 2.22 27.69 0.53
CA MET B 156 2.96 28.80 -0.06
C MET B 156 4.38 28.89 0.46
N SER B 157 5.31 29.21 -0.44
CA SER B 157 6.71 29.37 -0.07
C SER B 157 7.02 30.87 -0.09
N MET B 158 7.41 31.41 1.06
CA MET B 158 7.73 32.82 1.16
C MET B 158 8.90 33.18 0.24
N GLY B 159 10.00 32.44 0.38
CA GLY B 159 11.19 32.70 -0.43
C GLY B 159 10.93 32.71 -1.93
N HIS B 160 10.25 31.68 -2.42
CA HIS B 160 9.95 31.61 -3.84
C HIS B 160 9.01 32.75 -4.26
N SER B 161 8.05 33.07 -3.41
CA SER B 161 7.11 34.14 -3.69
C SER B 161 7.81 35.49 -3.82
N VAL B 162 8.72 35.76 -2.89
CA VAL B 162 9.46 37.03 -2.90
C VAL B 162 10.28 37.17 -4.18
N ALA B 163 10.93 36.09 -4.58
CA ALA B 163 11.75 36.08 -5.79
C ALA B 163 10.91 36.51 -6.99
N VAL B 164 9.70 35.99 -7.08
CA VAL B 164 8.82 36.32 -8.18
C VAL B 164 8.45 37.80 -8.14
N LYS B 165 8.11 38.28 -6.95
CA LYS B 165 7.74 39.69 -6.77
C LYS B 165 8.87 40.65 -7.12
N ALA B 166 10.10 40.17 -7.01
CA ALA B 166 11.27 40.99 -7.30
C ALA B 166 11.42 41.21 -8.80
N ILE B 167 10.62 40.49 -9.58
CA ILE B 167 10.66 40.59 -11.03
C ILE B 167 9.82 41.76 -11.56
N PRO B 168 10.45 42.63 -12.37
CA PRO B 168 9.76 43.79 -12.94
C PRO B 168 8.53 43.36 -13.73
N GLY B 169 7.41 44.07 -13.52
CA GLY B 169 6.18 43.73 -14.22
C GLY B 169 5.24 42.94 -13.33
N VAL B 170 5.75 42.44 -12.21
CA VAL B 170 4.94 41.67 -11.28
C VAL B 170 4.38 42.57 -10.19
N ARG B 171 3.06 42.67 -10.13
CA ARG B 171 2.42 43.49 -9.11
C ARG B 171 2.35 42.71 -7.81
N ASP B 172 2.10 41.41 -7.93
CA ASP B 172 2.01 40.54 -6.77
C ASP B 172 2.15 39.10 -7.27
N ALA B 173 2.54 38.19 -6.38
CA ALA B 173 2.72 36.79 -6.76
C ALA B 173 2.65 35.84 -5.59
N LEU B 174 2.39 34.57 -5.90
CA LEU B 174 2.28 33.52 -4.90
C LEU B 174 2.90 32.26 -5.48
N SER B 175 3.87 31.68 -4.78
CA SER B 175 4.50 30.45 -5.26
C SER B 175 4.09 29.29 -4.35
N MET B 176 3.37 28.32 -4.90
CA MET B 176 2.92 27.16 -4.14
C MET B 176 3.91 26.01 -4.24
N THR B 177 4.25 25.42 -3.10
CA THR B 177 5.16 24.29 -3.07
C THR B 177 4.30 23.03 -3.15
N ILE B 178 4.59 22.20 -4.15
CA ILE B 178 3.83 20.98 -4.37
C ILE B 178 4.69 19.74 -4.25
N PRO B 179 4.30 18.80 -3.36
CA PRO B 179 5.07 17.57 -3.17
C PRO B 179 4.96 16.63 -4.37
N ALA B 180 6.11 16.20 -4.90
CA ALA B 180 6.14 15.29 -6.04
C ALA B 180 6.49 13.89 -5.53
N GLY B 181 6.79 13.80 -4.23
CA GLY B 181 7.14 12.53 -3.63
C GLY B 181 8.64 12.32 -3.57
N MET B 182 9.07 11.46 -2.65
CA MET B 182 10.49 11.16 -2.49
C MET B 182 11.37 12.40 -2.31
N GLY B 183 10.84 13.39 -1.60
CA GLY B 183 11.61 14.60 -1.35
C GLY B 183 11.76 15.57 -2.50
N VAL B 184 11.08 15.31 -3.61
CA VAL B 184 11.15 16.19 -4.78
C VAL B 184 9.94 17.11 -4.76
N HIS B 185 10.11 18.35 -5.19
CA HIS B 185 9.00 19.29 -5.20
C HIS B 185 8.80 20.04 -6.50
N LYS B 186 7.54 20.34 -6.80
CA LYS B 186 7.15 21.07 -8.00
C LYS B 186 6.68 22.44 -7.52
N ARG B 187 6.69 23.43 -8.42
CA ARG B 187 6.27 24.78 -8.06
C ARG B 187 5.12 25.25 -8.94
N ALA B 188 4.07 25.76 -8.32
CA ALA B 188 2.93 26.29 -9.04
C ALA B 188 2.86 27.76 -8.67
N VAL B 189 3.21 28.63 -9.62
CA VAL B 189 3.23 30.06 -9.38
C VAL B 189 2.04 30.80 -10.00
N TYR B 190 1.48 31.72 -9.24
CA TYR B 190 0.35 32.51 -9.68
C TYR B 190 0.80 33.96 -9.64
N VAL B 191 0.70 34.66 -10.77
CA VAL B 191 1.17 36.03 -10.84
C VAL B 191 0.16 37.08 -11.31
N GLU B 192 0.18 38.23 -10.66
CA GLU B 192 -0.69 39.36 -10.99
C GLU B 192 0.23 40.40 -11.62
N LEU B 193 0.00 40.72 -12.89
CA LEU B 193 0.86 41.67 -13.60
C LEU B 193 0.51 43.14 -13.50
N GLU B 194 1.54 43.97 -13.58
CA GLU B 194 1.38 45.42 -13.56
C GLU B 194 0.74 45.78 -14.89
N PRO B 195 0.14 46.97 -14.98
CA PRO B 195 -0.50 47.41 -16.23
C PRO B 195 0.48 47.44 -17.41
N GLY B 196 0.18 46.65 -18.44
CA GLY B 196 1.03 46.63 -19.62
C GLY B 196 2.24 45.72 -19.57
N ALA B 197 2.39 44.96 -18.49
CA ALA B 197 3.53 44.05 -18.37
C ALA B 197 3.32 42.86 -19.31
N ASP B 198 4.40 42.21 -19.70
CA ASP B 198 4.31 41.07 -20.61
C ASP B 198 4.43 39.75 -19.84
N PHE B 199 3.40 38.91 -19.96
CA PHE B 199 3.37 37.62 -19.27
C PHE B 199 4.49 36.67 -19.70
N ALA B 200 4.67 36.52 -21.01
CA ALA B 200 5.70 35.63 -21.55
C ALA B 200 7.06 35.94 -20.92
N GLU B 201 7.39 37.22 -20.83
CA GLU B 201 8.66 37.65 -20.25
C GLU B 201 8.75 37.22 -18.79
N VAL B 202 7.74 37.61 -18.01
CA VAL B 202 7.70 37.26 -16.58
C VAL B 202 7.80 35.75 -16.40
N GLU B 203 7.01 35.01 -17.16
CA GLU B 203 7.03 33.55 -17.07
C GLU B 203 8.45 33.03 -17.25
N ARG B 204 9.17 33.56 -18.23
CA ARG B 204 10.54 33.12 -18.47
C ARG B 204 11.43 33.48 -17.28
N ALA B 205 11.30 34.71 -16.81
CA ALA B 205 12.09 35.18 -15.67
C ALA B 205 11.89 34.28 -14.45
N ILE B 206 10.69 33.73 -14.32
CA ILE B 206 10.38 32.85 -13.20
C ILE B 206 10.99 31.46 -13.37
N LYS B 207 10.62 30.80 -14.47
CA LYS B 207 11.10 29.45 -14.76
C LYS B 207 12.62 29.33 -14.83
N THR B 208 13.30 30.42 -15.19
CA THR B 208 14.75 30.40 -15.31
C THR B 208 15.47 30.95 -14.08
N ASP B 209 14.71 31.46 -13.12
CA ASP B 209 15.32 32.00 -11.90
C ASP B 209 16.01 30.85 -11.18
N PRO B 210 17.19 31.09 -10.60
CA PRO B 210 17.89 29.99 -9.90
C PRO B 210 17.06 29.35 -8.78
N TYR B 211 16.03 30.06 -8.32
CA TYR B 211 15.17 29.53 -7.26
C TYR B 211 14.11 28.59 -7.80
N PHE B 212 13.98 28.52 -9.12
CA PHE B 212 12.98 27.66 -9.77
C PHE B 212 13.55 26.73 -10.82
N VAL B 213 14.64 27.14 -11.44
CA VAL B 213 15.27 26.37 -12.52
C VAL B 213 15.44 24.87 -12.28
N ARG B 214 15.68 24.46 -11.03
CA ARG B 214 15.88 23.05 -10.72
C ARG B 214 14.59 22.22 -10.57
N ASP B 215 13.44 22.87 -10.45
CA ASP B 215 12.19 22.14 -10.27
C ASP B 215 11.16 22.39 -11.36
N GLU B 216 10.27 21.42 -11.56
CA GLU B 216 9.20 21.55 -12.53
C GLU B 216 8.40 22.75 -12.06
N THR B 217 8.26 23.75 -12.91
CA THR B 217 7.53 24.96 -12.55
C THR B 217 6.46 25.34 -13.57
N ARG B 218 5.30 25.74 -13.08
CA ARG B 218 4.20 26.17 -13.93
C ARG B 218 3.75 27.55 -13.47
N VAL B 219 3.51 28.45 -14.42
CA VAL B 219 3.08 29.80 -14.09
C VAL B 219 1.71 30.11 -14.68
N THR B 220 0.87 30.76 -13.88
CA THR B 220 -0.47 31.13 -14.30
C THR B 220 -0.71 32.60 -13.96
N GLN B 221 -1.27 33.35 -14.90
CA GLN B 221 -1.55 34.76 -14.63
C GLN B 221 -2.93 34.85 -14.02
N VAL B 222 -3.07 35.64 -12.97
CA VAL B 222 -4.36 35.80 -12.30
C VAL B 222 -4.74 37.27 -12.14
N GLU B 223 -6.03 37.52 -12.04
CA GLU B 223 -6.55 38.86 -11.87
C GLU B 223 -6.17 39.40 -10.49
N SER B 224 -6.16 38.52 -9.50
CA SER B 224 -5.82 38.90 -8.13
C SER B 224 -5.15 37.77 -7.36
N VAL B 225 -3.95 38.05 -6.84
CA VAL B 225 -3.20 37.07 -6.07
C VAL B 225 -3.70 37.00 -4.62
N SER B 226 -4.10 38.14 -4.06
CA SER B 226 -4.58 38.16 -2.69
C SER B 226 -5.80 37.26 -2.53
N ALA B 227 -6.53 37.06 -3.62
CA ALA B 227 -7.71 36.22 -3.62
C ALA B 227 -7.36 34.73 -3.57
N LEU B 228 -6.08 34.42 -3.74
CA LEU B 228 -5.60 33.05 -3.73
C LEU B 228 -4.71 32.74 -2.53
N MET B 229 -4.39 33.77 -1.75
CA MET B 229 -3.50 33.62 -0.60
C MET B 229 -4.06 32.91 0.64
N ASP B 230 -3.35 31.87 1.08
CA ASP B 230 -3.72 31.10 2.28
C ASP B 230 -2.39 30.68 2.89
N VAL B 231 -2.21 30.88 4.19
CA VAL B 231 -0.95 30.53 4.83
C VAL B 231 -0.85 29.12 5.39
N GLY B 232 -1.80 28.26 5.03
CA GLY B 232 -1.75 26.89 5.50
C GLY B 232 -0.62 26.18 4.80
N HIS B 233 -0.08 25.14 5.42
CA HIS B 233 1.02 24.39 4.81
C HIS B 233 1.01 23.01 5.43
N GLY B 234 1.97 22.18 5.03
CA GLY B 234 1.99 20.84 5.59
C GLY B 234 3.23 20.06 5.22
N VAL B 235 3.35 18.88 5.82
CA VAL B 235 4.48 18.02 5.53
C VAL B 235 4.12 16.56 5.75
N VAL B 236 4.80 15.70 5.01
CA VAL B 236 4.65 14.27 5.15
C VAL B 236 6.09 13.78 5.20
N MET B 237 6.49 13.26 6.35
CA MET B 237 7.83 12.74 6.55
C MET B 237 7.70 11.23 6.65
N GLU B 238 8.49 10.51 5.86
CA GLU B 238 8.43 9.06 5.87
C GLU B 238 9.81 8.42 5.91
N ARG B 239 9.90 7.29 6.59
CA ARG B 239 11.15 6.54 6.65
C ARG B 239 10.86 5.05 6.65
N LYS B 240 11.65 4.32 5.90
CA LYS B 240 11.55 2.87 5.83
C LYS B 240 12.97 2.46 6.14
N GLY B 241 13.18 1.88 7.33
CA GLY B 241 14.53 1.51 7.70
C GLY B 241 14.71 0.29 8.57
N VAL B 242 15.96 0.05 8.92
CA VAL B 242 16.35 -1.10 9.73
C VAL B 242 16.58 -0.75 11.20
N SER B 243 15.85 -1.43 12.09
CA SER B 243 16.06 -1.26 13.52
C SER B 243 16.95 -2.44 13.87
N GLY B 244 18.19 -2.16 14.28
CA GLY B 244 19.11 -3.23 14.60
C GLY B 244 19.46 -3.97 13.32
N ALA B 245 18.88 -5.16 13.15
CA ALA B 245 19.11 -5.95 11.95
C ALA B 245 17.77 -6.31 11.30
N THR B 246 16.71 -5.68 11.80
CA THR B 246 15.35 -5.94 11.31
C THR B 246 14.90 -4.86 10.33
N HIS B 247 14.71 -5.27 9.08
CA HIS B 247 14.32 -4.36 8.01
C HIS B 247 12.83 -4.03 7.88
N ASN B 248 12.56 -3.05 7.03
CA ASN B 248 11.21 -2.60 6.72
C ASN B 248 10.40 -2.00 7.86
N GLN B 249 11.05 -1.28 8.76
CA GLN B 249 10.36 -0.60 9.85
C GLN B 249 9.75 0.61 9.14
N LEU B 250 8.44 0.82 9.30
CA LEU B 250 7.77 1.93 8.62
C LEU B 250 7.32 3.07 9.54
N PHE B 251 7.70 4.29 9.17
CA PHE B 251 7.35 5.48 9.96
C PHE B 251 6.76 6.60 9.10
N ARG B 252 5.74 7.27 9.60
CA ARG B 252 5.12 8.35 8.85
C ARG B 252 4.59 9.45 9.76
N PHE B 253 4.95 10.69 9.45
CA PHE B 253 4.50 11.83 10.23
C PHE B 253 3.89 12.83 9.25
N GLU B 254 2.66 13.26 9.53
CA GLU B 254 1.99 14.24 8.68
C GLU B 254 1.42 15.38 9.51
N MET B 255 1.43 16.56 8.92
CA MET B 255 0.97 17.77 9.57
C MET B 255 0.25 18.65 8.54
N ARG B 256 -0.88 19.24 8.94
CA ARG B 256 -1.64 20.17 8.08
C ARG B 256 -1.90 21.31 9.06
N ILE B 257 -1.16 22.39 8.87
CA ILE B 257 -1.21 23.50 9.81
C ILE B 257 -1.09 24.89 9.22
N ASN B 258 -1.32 25.89 10.07
CA ASN B 258 -1.19 27.29 9.69
C ASN B 258 0.31 27.53 9.87
N ASN B 259 1.00 27.78 8.76
CA ASN B 259 2.45 27.99 8.78
C ASN B 259 2.95 28.99 9.83
N PRO B 260 2.68 30.29 9.67
CA PRO B 260 3.16 31.26 10.66
C PRO B 260 2.68 31.01 12.10
N ALA B 261 1.47 30.49 12.26
CA ALA B 261 0.95 30.22 13.61
C ALA B 261 1.79 29.17 14.33
N LEU B 262 2.11 28.08 13.66
CA LEU B 262 2.92 27.01 14.26
C LEU B 262 4.34 27.48 14.52
N THR B 263 4.92 28.17 13.53
CA THR B 263 6.29 28.66 13.66
C THR B 263 6.41 29.55 14.90
N ALA B 264 5.47 30.47 15.06
CA ALA B 264 5.50 31.38 16.20
C ALA B 264 5.38 30.63 17.52
N GLN B 265 4.50 29.62 17.56
CA GLN B 265 4.32 28.83 18.79
C GLN B 265 5.59 28.05 19.12
N VAL B 266 6.25 27.49 18.12
CA VAL B 266 7.48 26.74 18.36
C VAL B 266 8.56 27.69 18.86
N MET B 267 8.61 28.88 18.29
CA MET B 267 9.60 29.87 18.71
C MET B 267 9.39 30.20 20.19
N VAL B 268 8.14 30.32 20.60
CA VAL B 268 7.82 30.60 22.00
C VAL B 268 8.36 29.48 22.89
N ALA B 269 8.08 28.24 22.51
CA ALA B 269 8.54 27.09 23.29
C ALA B 269 10.07 27.05 23.33
N ALA B 270 10.69 27.42 22.22
CA ALA B 270 12.14 27.41 22.12
C ALA B 270 12.79 28.50 22.97
N LEU B 271 12.09 29.62 23.14
CA LEU B 271 12.63 30.71 23.95
C LEU B 271 12.53 30.31 25.42
N ARG B 272 11.46 29.59 25.74
CA ARG B 272 11.25 29.09 27.09
C ARG B 272 12.43 28.19 27.43
N ALA B 273 12.81 27.34 26.47
CA ALA B 273 13.92 26.43 26.66
C ALA B 273 15.25 27.18 26.73
N ALA B 274 15.39 28.21 25.89
CA ALA B 274 16.62 29.00 25.88
C ALA B 274 16.96 29.55 27.26
N ALA B 275 15.96 30.10 27.93
CA ALA B 275 16.15 30.67 29.26
C ALA B 275 16.63 29.65 30.28
N ARG B 276 16.50 28.36 29.95
CA ARG B 276 16.90 27.29 30.85
C ARG B 276 18.26 26.67 30.52
N GLN B 277 18.89 27.14 29.45
CA GLN B 277 20.18 26.58 29.03
C GLN B 277 21.39 27.34 29.51
N LYS B 278 22.54 26.68 29.49
CA LYS B 278 23.78 27.33 29.85
C LYS B 278 24.03 28.27 28.66
N PRO B 279 24.68 29.41 28.88
CA PRO B 279 24.92 30.34 27.77
C PRO B 279 25.58 29.68 26.56
N GLY B 280 25.11 30.04 25.37
CA GLY B 280 25.63 29.46 24.13
C GLY B 280 24.53 29.41 23.09
N CYS B 281 24.82 28.79 21.94
CA CYS B 281 23.84 28.69 20.87
C CYS B 281 23.45 27.23 20.62
N TYR B 282 22.15 26.98 20.44
CA TYR B 282 21.63 25.64 20.24
C TYR B 282 20.62 25.50 19.09
N THR B 283 20.58 24.33 18.46
CA THR B 283 19.57 24.06 17.45
C THR B 283 18.56 23.28 18.30
N MET B 284 17.36 23.05 17.80
CA MET B 284 16.36 22.34 18.59
C MET B 284 16.67 20.89 18.99
N ILE B 285 17.61 20.24 18.30
CA ILE B 285 17.94 18.87 18.66
C ILE B 285 19.01 18.81 19.74
N GLU B 286 19.39 19.97 20.26
CA GLU B 286 20.41 20.03 21.30
C GLU B 286 19.81 20.37 22.67
N ILE B 287 18.47 20.35 22.73
CA ILE B 287 17.75 20.69 23.95
C ILE B 287 16.83 19.56 24.39
N PRO B 288 16.86 19.19 25.68
CA PRO B 288 15.96 18.12 26.10
C PRO B 288 14.53 18.59 25.88
N VAL B 289 13.73 17.76 25.22
CA VAL B 289 12.36 18.11 24.89
C VAL B 289 11.50 18.66 26.03
N ILE B 290 11.73 18.19 27.24
CA ILE B 290 10.95 18.67 28.37
C ILE B 290 11.20 20.15 28.67
N ASP B 291 12.35 20.66 28.24
CA ASP B 291 12.67 22.07 28.47
C ASP B 291 11.77 22.98 27.63
N TYR B 292 11.05 22.40 26.67
CA TYR B 292 10.14 23.15 25.82
C TYR B 292 8.76 23.28 26.46
N LEU B 293 8.56 22.56 27.57
CA LEU B 293 7.27 22.57 28.27
C LEU B 293 7.35 23.46 29.52
N PRO B 294 6.32 24.29 29.75
CA PRO B 294 6.25 25.20 30.90
C PRO B 294 6.11 24.53 32.27
N GLY B 295 6.75 25.10 33.27
CA GLY B 295 6.64 24.56 34.62
C GLY B 295 7.56 23.40 34.97
N ASP B 296 7.36 22.85 36.16
CA ASP B 296 8.16 21.73 36.66
C ASP B 296 8.07 20.48 35.80
N ARG B 297 9.17 19.73 35.77
CA ARG B 297 9.26 18.52 34.97
C ARG B 297 8.38 17.35 35.42
N GLU B 298 8.32 17.13 36.73
CA GLU B 298 7.55 16.02 37.30
C GLU B 298 6.16 15.84 36.69
N ALA B 299 5.34 16.88 36.70
CA ALA B 299 3.98 16.78 36.14
C ALA B 299 3.96 16.36 34.68
N TRP B 300 4.90 16.87 33.90
CA TRP B 300 4.95 16.51 32.48
C TRP B 300 5.40 15.07 32.27
N ILE B 301 6.30 14.60 33.13
CA ILE B 301 6.76 13.22 33.01
C ILE B 301 5.58 12.29 33.27
N ARG B 302 4.79 12.59 34.30
CA ARG B 302 3.63 11.78 34.62
C ARG B 302 2.55 11.83 33.55
N LYS B 303 2.36 12.99 32.93
CA LYS B 303 1.34 13.14 31.90
C LYS B 303 1.70 12.59 30.52
N LEU B 304 2.94 12.80 30.10
CA LEU B 304 3.36 12.41 28.75
C LEU B 304 4.16 11.15 28.49
N VAL B 305 5.01 10.75 29.43
CA VAL B 305 5.85 9.58 29.20
C VAL B 305 5.11 8.26 29.18
N LYS C 9 -16.91 -23.51 -28.46
CA LYS C 9 -17.42 -22.75 -27.28
C LYS C 9 -18.28 -23.63 -26.38
N LEU C 10 -18.20 -23.38 -25.08
CA LEU C 10 -18.97 -24.13 -24.10
C LEU C 10 -20.44 -23.69 -24.15
N ARG C 11 -21.35 -24.64 -24.33
CA ARG C 11 -22.77 -24.32 -24.38
C ARG C 11 -23.27 -24.21 -22.94
N VAL C 12 -23.69 -23.00 -22.58
CA VAL C 12 -24.13 -22.70 -21.23
C VAL C 12 -25.58 -22.25 -21.04
N ALA C 13 -26.13 -22.63 -19.89
CA ALA C 13 -27.49 -22.26 -19.54
C ALA C 13 -27.49 -21.54 -18.20
N VAL C 14 -28.31 -20.51 -18.07
CA VAL C 14 -28.43 -19.79 -16.82
C VAL C 14 -29.67 -20.38 -16.16
N VAL C 15 -29.50 -20.96 -14.98
CA VAL C 15 -30.62 -21.56 -14.26
C VAL C 15 -31.04 -20.72 -13.07
N GLY C 16 -32.24 -20.16 -13.15
CA GLY C 16 -32.73 -19.30 -12.09
C GLY C 16 -32.55 -17.89 -12.60
N TYR C 17 -33.55 -17.03 -12.42
CA TYR C 17 -33.41 -15.67 -12.90
C TYR C 17 -33.75 -14.62 -11.86
N GLY C 18 -32.71 -14.14 -11.18
CA GLY C 18 -32.86 -13.11 -10.17
C GLY C 18 -31.74 -12.10 -10.39
N ASN C 19 -31.30 -11.42 -9.34
CA ASN C 19 -30.21 -10.47 -9.51
C ASN C 19 -29.05 -11.18 -10.19
N VAL C 20 -28.38 -12.06 -9.47
CA VAL C 20 -27.25 -12.81 -10.01
C VAL C 20 -27.63 -13.36 -11.38
N GLY C 21 -28.90 -13.72 -11.55
CA GLY C 21 -29.37 -14.23 -12.83
C GLY C 21 -29.27 -13.23 -13.96
N ARG C 22 -29.87 -12.06 -13.80
CA ARG C 22 -29.80 -11.03 -14.84
C ARG C 22 -28.34 -10.69 -15.11
N TYR C 23 -27.56 -10.66 -14.04
CA TYR C 23 -26.14 -10.36 -14.14
C TYR C 23 -25.44 -11.58 -14.74
N ALA C 24 -26.02 -12.76 -14.51
CA ALA C 24 -25.46 -14.00 -15.05
C ALA C 24 -25.63 -13.98 -16.56
N LEU C 25 -26.79 -13.50 -17.01
CA LEU C 25 -27.06 -13.41 -18.44
C LEU C 25 -26.00 -12.57 -19.13
N GLU C 26 -25.72 -11.41 -18.56
CA GLU C 26 -24.73 -10.49 -19.11
C GLU C 26 -23.31 -11.07 -19.06
N ALA C 27 -23.00 -11.78 -17.98
CA ALA C 27 -21.67 -12.37 -17.84
C ALA C 27 -21.42 -13.42 -18.92
N VAL C 28 -22.43 -14.25 -19.20
CA VAL C 28 -22.29 -15.28 -20.22
C VAL C 28 -22.19 -14.66 -21.61
N GLN C 29 -23.06 -13.68 -21.88
CA GLN C 29 -23.05 -13.03 -23.19
C GLN C 29 -21.71 -12.35 -23.46
N ALA C 30 -21.04 -11.91 -22.41
CA ALA C 30 -19.75 -11.24 -22.54
C ALA C 30 -18.55 -12.19 -22.61
N ALA C 31 -18.77 -13.47 -22.31
CA ALA C 31 -17.70 -14.46 -22.35
C ALA C 31 -17.33 -14.80 -23.79
N PRO C 32 -16.04 -14.72 -24.14
CA PRO C 32 -15.59 -15.02 -25.50
C PRO C 32 -15.60 -16.50 -25.88
N ASP C 33 -15.61 -17.36 -24.87
CA ASP C 33 -15.56 -18.80 -25.10
C ASP C 33 -16.84 -19.53 -24.73
N MET C 34 -17.96 -18.81 -24.68
CA MET C 34 -19.22 -19.43 -24.33
C MET C 34 -20.37 -19.03 -25.24
N GLU C 35 -21.33 -19.94 -25.35
CA GLU C 35 -22.51 -19.74 -26.16
C GLU C 35 -23.71 -19.97 -25.24
N LEU C 36 -24.50 -18.93 -25.03
CA LEU C 36 -25.67 -19.03 -24.17
C LEU C 36 -26.80 -19.75 -24.90
N VAL C 37 -27.14 -20.95 -24.43
CA VAL C 37 -28.21 -21.71 -25.05
C VAL C 37 -29.55 -21.14 -24.64
N GLY C 38 -29.63 -20.68 -23.39
CA GLY C 38 -30.87 -20.11 -22.90
C GLY C 38 -30.95 -19.98 -21.40
N VAL C 39 -32.10 -19.55 -20.92
CA VAL C 39 -32.33 -19.36 -19.50
C VAL C 39 -33.45 -20.26 -18.99
N VAL C 40 -33.23 -20.88 -17.84
CA VAL C 40 -34.23 -21.74 -17.23
C VAL C 40 -34.79 -20.98 -16.03
N ARG C 41 -36.11 -20.80 -15.99
CA ARG C 41 -36.74 -20.11 -14.88
C ARG C 41 -38.13 -20.70 -14.68
N ARG C 42 -38.68 -20.58 -13.47
CA ARG C 42 -39.99 -21.15 -13.20
C ARG C 42 -41.16 -20.34 -13.72
N LYS C 43 -40.91 -19.10 -14.13
CA LYS C 43 -41.98 -18.25 -14.64
C LYS C 43 -41.68 -17.70 -16.03
N VAL C 44 -42.52 -18.06 -16.99
CA VAL C 44 -42.35 -17.60 -18.37
C VAL C 44 -43.66 -17.00 -18.87
N LEU C 45 -43.80 -15.68 -18.73
CA LEU C 45 -45.01 -14.99 -19.15
C LEU C 45 -44.97 -14.55 -20.61
N ALA C 46 -46.14 -14.24 -21.16
CA ALA C 46 -46.26 -13.81 -22.55
C ALA C 46 -45.48 -12.53 -22.82
N ALA C 47 -45.52 -11.60 -21.87
CA ALA C 47 -44.80 -10.34 -22.02
C ALA C 47 -43.33 -10.57 -21.67
N THR C 48 -42.56 -11.00 -22.65
CA THR C 48 -41.14 -11.28 -22.46
C THR C 48 -40.37 -10.04 -22.04
N PRO C 49 -39.63 -10.12 -20.91
CA PRO C 49 -38.84 -8.99 -20.41
C PRO C 49 -37.88 -8.49 -21.49
N PRO C 50 -37.65 -7.16 -21.54
CA PRO C 50 -36.76 -6.55 -22.53
C PRO C 50 -35.41 -7.25 -22.75
N GLU C 51 -34.65 -7.43 -21.67
CA GLU C 51 -33.34 -8.07 -21.78
C GLU C 51 -33.38 -9.52 -22.22
N LEU C 52 -34.53 -10.17 -22.07
CA LEU C 52 -34.67 -11.57 -22.46
C LEU C 52 -35.18 -11.70 -23.89
N THR C 53 -35.29 -10.57 -24.57
CA THR C 53 -35.74 -10.55 -25.96
C THR C 53 -34.66 -11.27 -26.78
N GLY C 54 -35.08 -12.22 -27.60
CA GLY C 54 -34.13 -12.95 -28.42
C GLY C 54 -33.41 -14.06 -27.67
N VAL C 55 -33.81 -14.29 -26.42
CA VAL C 55 -33.19 -15.34 -25.62
C VAL C 55 -34.20 -16.44 -25.33
N ARG C 56 -33.80 -17.68 -25.52
CA ARG C 56 -34.69 -18.81 -25.27
C ARG C 56 -34.88 -18.95 -23.76
N VAL C 57 -36.14 -18.93 -23.32
CA VAL C 57 -36.45 -19.06 -21.90
C VAL C 57 -37.44 -20.19 -21.72
N VAL C 58 -37.08 -21.15 -20.88
CA VAL C 58 -37.92 -22.31 -20.62
C VAL C 58 -37.93 -22.65 -19.14
N THR C 59 -38.86 -23.53 -18.74
CA THR C 59 -38.99 -23.93 -17.35
C THR C 59 -38.18 -25.17 -16.97
N ASP C 60 -37.64 -25.86 -17.97
CA ASP C 60 -36.84 -27.06 -17.70
C ASP C 60 -35.61 -27.13 -18.59
N ILE C 61 -34.48 -27.49 -17.97
CA ILE C 61 -33.21 -27.57 -18.69
C ILE C 61 -33.29 -28.53 -19.88
N SER C 62 -34.18 -29.51 -19.81
CA SER C 62 -34.36 -30.47 -20.90
C SER C 62 -34.80 -29.79 -22.19
N GLN C 63 -35.40 -28.60 -22.07
CA GLN C 63 -35.85 -27.90 -23.27
C GLN C 63 -34.79 -26.99 -23.88
N LEU C 64 -33.58 -27.07 -23.35
CA LEU C 64 -32.46 -26.31 -23.89
C LEU C 64 -31.56 -27.36 -24.54
N GLU C 65 -31.23 -27.15 -25.81
CA GLU C 65 -30.43 -28.12 -26.56
C GLU C 65 -28.92 -28.14 -26.30
N GLY C 66 -28.41 -29.35 -26.12
CA GLY C 66 -26.99 -29.57 -25.90
C GLY C 66 -26.29 -28.69 -24.88
N VAL C 67 -26.90 -28.55 -23.70
CA VAL C 67 -26.30 -27.75 -22.65
C VAL C 67 -25.16 -28.53 -22.01
N GLN C 68 -23.98 -27.90 -21.92
CA GLN C 68 -22.82 -28.56 -21.35
C GLN C 68 -22.51 -28.07 -19.94
N GLY C 69 -22.89 -26.82 -19.63
CA GLY C 69 -22.65 -26.27 -18.31
C GLY C 69 -23.79 -25.39 -17.85
N ALA C 70 -23.98 -25.29 -16.54
CA ALA C 70 -25.06 -24.47 -16.02
C ALA C 70 -24.66 -23.63 -14.82
N LEU C 71 -25.11 -22.38 -14.81
CA LEU C 71 -24.85 -21.49 -13.70
C LEU C 71 -26.08 -21.60 -12.83
N LEU C 72 -25.91 -22.09 -11.61
CA LEU C 72 -27.02 -22.26 -10.68
C LEU C 72 -27.27 -20.96 -9.90
N CYS C 73 -28.11 -20.10 -10.48
CA CYS C 73 -28.42 -18.82 -9.86
C CYS C 73 -29.72 -18.92 -9.05
N VAL C 74 -29.72 -19.82 -8.08
CA VAL C 74 -30.87 -20.05 -7.21
C VAL C 74 -30.47 -19.80 -5.76
N PRO C 75 -31.46 -19.62 -4.86
CA PRO C 75 -31.15 -19.38 -3.45
C PRO C 75 -30.21 -20.44 -2.88
N THR C 76 -29.40 -20.05 -1.91
CA THR C 76 -28.46 -20.97 -1.28
C THR C 76 -29.09 -22.28 -0.83
N ARG C 77 -30.28 -22.21 -0.21
CA ARG C 77 -30.95 -23.42 0.26
C ARG C 77 -31.36 -24.37 -0.87
N SER C 78 -31.45 -23.84 -2.09
CA SER C 78 -31.84 -24.65 -3.24
C SER C 78 -30.65 -25.19 -4.03
N VAL C 79 -29.46 -24.71 -3.71
CA VAL C 79 -28.25 -25.13 -4.44
C VAL C 79 -27.93 -26.61 -4.41
N PRO C 80 -27.88 -27.25 -3.22
CA PRO C 80 -27.57 -28.67 -3.16
C PRO C 80 -28.40 -29.56 -4.08
N GLU C 81 -29.72 -29.37 -4.04
CA GLU C 81 -30.62 -30.17 -4.86
C GLU C 81 -30.49 -29.85 -6.35
N TYR C 82 -30.33 -28.58 -6.69
CA TYR C 82 -30.19 -28.21 -8.10
C TYR C 82 -28.90 -28.74 -8.67
N ALA C 83 -27.83 -28.64 -7.90
CA ALA C 83 -26.52 -29.12 -8.34
C ALA C 83 -26.59 -30.61 -8.65
N GLU C 84 -27.17 -31.39 -7.74
CA GLU C 84 -27.29 -32.83 -7.95
C GLU C 84 -28.12 -33.11 -9.20
N ALA C 85 -29.23 -32.39 -9.36
CA ALA C 85 -30.11 -32.58 -10.51
C ALA C 85 -29.40 -32.35 -11.84
N MET C 86 -28.62 -31.28 -11.92
CA MET C 86 -27.91 -30.98 -13.14
C MET C 86 -26.74 -31.94 -13.36
N LEU C 87 -26.01 -32.24 -12.29
CA LEU C 87 -24.88 -33.17 -12.41
C LEU C 87 -25.36 -34.53 -12.88
N ARG C 88 -26.50 -34.98 -12.36
CA ARG C 88 -27.07 -36.27 -12.77
C ARG C 88 -27.46 -36.31 -14.24
N ARG C 89 -27.39 -35.16 -14.91
CA ARG C 89 -27.71 -35.08 -16.33
C ARG C 89 -26.42 -34.99 -17.14
N GLY C 90 -25.29 -35.00 -16.43
CA GLY C 90 -24.00 -34.92 -17.10
C GLY C 90 -23.61 -33.48 -17.43
N ILE C 91 -24.24 -32.54 -16.75
CA ILE C 91 -23.99 -31.12 -16.98
C ILE C 91 -23.08 -30.55 -15.90
N HIS C 92 -22.01 -29.87 -16.31
CA HIS C 92 -21.10 -29.26 -15.35
C HIS C 92 -21.89 -28.16 -14.64
N THR C 93 -21.59 -27.89 -13.37
CA THR C 93 -22.31 -26.88 -12.64
C THR C 93 -21.43 -25.93 -11.84
N VAL C 94 -21.94 -24.74 -11.61
CA VAL C 94 -21.23 -23.75 -10.80
C VAL C 94 -22.31 -23.06 -9.97
N ASP C 95 -21.97 -22.76 -8.72
CA ASP C 95 -22.89 -22.08 -7.82
C ASP C 95 -22.05 -21.19 -6.92
N SER C 96 -22.70 -20.33 -6.16
CA SER C 96 -21.99 -19.46 -5.24
C SER C 96 -22.48 -19.72 -3.80
N TYR C 97 -22.80 -21.00 -3.52
CA TYR C 97 -23.26 -21.43 -2.19
C TYR C 97 -22.42 -20.68 -1.16
N ASP C 98 -23.07 -19.87 -0.32
CA ASP C 98 -22.33 -19.06 0.65
C ASP C 98 -22.28 -19.42 2.13
N ILE C 99 -22.54 -20.68 2.48
CA ILE C 99 -22.46 -21.04 3.89
C ILE C 99 -21.10 -21.65 4.19
N HIS C 100 -20.22 -20.84 4.77
CA HIS C 100 -18.86 -21.27 5.10
C HIS C 100 -18.83 -22.49 6.01
N GLY C 101 -19.81 -22.59 6.90
CA GLY C 101 -19.85 -23.70 7.81
C GLY C 101 -20.09 -25.08 7.23
N ASP C 102 -20.83 -25.17 6.13
CA ASP C 102 -21.14 -26.47 5.56
C ASP C 102 -20.73 -26.72 4.12
N LEU C 103 -20.11 -25.73 3.47
CA LEU C 103 -19.73 -25.93 2.07
C LEU C 103 -18.75 -27.08 1.90
N ALA C 104 -17.99 -27.39 2.95
CA ALA C 104 -17.03 -28.49 2.88
C ALA C 104 -17.80 -29.81 2.79
N ASP C 105 -18.94 -29.86 3.47
CA ASP C 105 -19.79 -31.05 3.44
C ASP C 105 -20.49 -31.13 2.09
N LEU C 106 -20.83 -29.97 1.52
CA LEU C 106 -21.48 -29.94 0.22
C LEU C 106 -20.52 -30.54 -0.80
N ARG C 107 -19.25 -30.19 -0.67
CA ARG C 107 -18.20 -30.69 -1.56
C ARG C 107 -18.13 -32.21 -1.53
N ARG C 108 -18.15 -32.78 -0.34
CA ARG C 108 -18.07 -34.23 -0.18
C ARG C 108 -19.32 -34.93 -0.69
N ARG C 109 -20.45 -34.24 -0.62
CA ARG C 109 -21.71 -34.80 -1.09
C ARG C 109 -21.76 -34.82 -2.62
N LEU C 110 -21.38 -33.70 -3.23
CA LEU C 110 -21.43 -33.59 -4.67
C LEU C 110 -20.29 -34.27 -5.43
N ASP C 111 -19.15 -34.46 -4.79
CA ASP C 111 -18.00 -35.07 -5.45
C ASP C 111 -18.31 -36.39 -6.17
N PRO C 112 -18.87 -37.39 -5.46
CA PRO C 112 -19.17 -38.66 -6.13
C PRO C 112 -20.29 -38.55 -7.18
N VAL C 113 -21.22 -37.61 -6.97
CA VAL C 113 -22.31 -37.42 -7.90
C VAL C 113 -21.76 -36.87 -9.21
N ALA C 114 -20.85 -35.91 -9.11
CA ALA C 114 -20.25 -35.31 -10.29
C ALA C 114 -19.40 -36.35 -11.03
N ARG C 115 -18.53 -37.02 -10.30
CA ARG C 115 -17.66 -38.02 -10.91
C ARG C 115 -18.44 -39.15 -11.57
N GLU C 116 -19.41 -39.69 -10.86
CA GLU C 116 -20.24 -40.77 -11.37
C GLU C 116 -20.95 -40.41 -12.68
N HIS C 117 -21.22 -39.13 -12.88
CA HIS C 117 -21.91 -38.71 -14.10
C HIS C 117 -21.01 -38.03 -15.12
N GLY C 118 -19.70 -38.14 -14.90
CA GLY C 118 -18.72 -37.57 -15.82
C GLY C 118 -18.75 -36.06 -15.95
N ALA C 119 -19.11 -35.37 -14.88
CA ALA C 119 -19.17 -33.91 -14.91
C ALA C 119 -18.38 -33.32 -13.76
N ALA C 120 -18.15 -32.00 -13.84
CA ALA C 120 -17.40 -31.31 -12.80
C ALA C 120 -18.29 -30.23 -12.21
N ALA C 121 -18.21 -30.06 -10.90
CA ALA C 121 -18.98 -29.05 -10.20
C ALA C 121 -18.01 -28.21 -9.37
N VAL C 122 -18.14 -26.89 -9.48
CA VAL C 122 -17.30 -25.99 -8.68
C VAL C 122 -18.31 -25.26 -7.81
N ILE C 123 -18.20 -25.46 -6.50
CA ILE C 123 -19.12 -24.84 -5.57
C ILE C 123 -18.55 -23.60 -4.90
N SER C 124 -19.44 -22.81 -4.32
CA SER C 124 -19.06 -21.61 -3.59
C SER C 124 -18.13 -20.70 -4.40
N ALA C 125 -18.49 -20.48 -5.65
CA ALA C 125 -17.70 -19.65 -6.56
C ALA C 125 -18.24 -18.23 -6.74
N GLY C 126 -18.30 -17.49 -5.63
CA GLY C 126 -18.74 -16.10 -5.68
C GLY C 126 -17.49 -15.32 -5.32
N TRP C 127 -17.62 -14.19 -4.63
CA TRP C 127 -16.42 -13.48 -4.22
C TRP C 127 -16.05 -13.83 -2.77
N ASP C 128 -17.02 -14.37 -2.04
CA ASP C 128 -16.80 -14.81 -0.66
C ASP C 128 -18.00 -15.60 -0.15
N PRO C 129 -17.91 -16.94 -0.14
CA PRO C 129 -16.73 -17.70 -0.58
C PRO C 129 -16.46 -17.57 -2.08
N GLY C 130 -15.22 -17.86 -2.47
CA GLY C 130 -14.85 -17.77 -3.87
C GLY C 130 -13.48 -17.13 -4.06
N THR C 131 -13.46 -16.00 -4.75
CA THR C 131 -12.19 -15.31 -4.97
C THR C 131 -11.52 -14.87 -3.67
N ASP C 132 -12.31 -14.43 -2.68
CA ASP C 132 -11.74 -14.02 -1.39
C ASP C 132 -11.06 -15.22 -0.75
N SER C 133 -11.60 -16.41 -1.02
CA SER C 133 -11.05 -17.64 -0.47
C SER C 133 -9.66 -17.85 -1.02
N ILE C 134 -9.50 -17.62 -2.32
CA ILE C 134 -8.19 -17.76 -2.95
C ILE C 134 -7.22 -16.76 -2.32
N ILE C 135 -7.68 -15.52 -2.13
CA ILE C 135 -6.83 -14.48 -1.54
C ILE C 135 -6.39 -14.92 -0.14
N ARG C 136 -7.34 -15.38 0.67
CA ARG C 136 -6.98 -15.82 2.02
C ARG C 136 -5.95 -16.94 1.95
N ALA C 137 -6.06 -17.82 0.97
CA ALA C 137 -5.10 -18.92 0.83
C ALA C 137 -3.71 -18.38 0.52
N LEU C 138 -3.64 -17.38 -0.37
CA LEU C 138 -2.36 -16.77 -0.73
C LEU C 138 -1.70 -16.13 0.49
N LEU C 139 -2.45 -15.31 1.21
CA LEU C 139 -1.92 -14.64 2.38
C LEU C 139 -1.46 -15.65 3.42
N GLU C 140 -2.12 -16.80 3.46
CA GLU C 140 -1.78 -17.85 4.41
C GLU C 140 -0.41 -18.47 4.12
N PHE C 141 -0.11 -18.78 2.86
CA PHE C 141 1.19 -19.38 2.58
C PHE C 141 2.32 -18.36 2.41
N MET C 142 1.96 -17.10 2.19
CA MET C 142 2.95 -16.03 2.07
C MET C 142 3.49 -15.66 3.45
N ALA C 143 2.63 -15.78 4.46
CA ALA C 143 3.01 -15.48 5.84
C ALA C 143 2.21 -16.43 6.76
N PRO C 144 2.66 -17.70 6.85
CA PRO C 144 2.08 -18.80 7.64
C PRO C 144 1.68 -18.53 9.09
N LYS C 145 2.39 -17.62 9.75
CA LYS C 145 2.06 -17.31 11.14
C LYS C 145 1.49 -15.90 11.27
N GLY C 146 0.24 -15.83 11.69
CA GLY C 146 -0.42 -14.55 11.83
C GLY C 146 -1.92 -14.73 11.79
N ILE C 147 -2.64 -13.63 11.62
CA ILE C 147 -4.10 -13.65 11.59
C ILE C 147 -4.64 -12.83 10.44
N THR C 148 -5.62 -13.37 9.73
CA THR C 148 -6.24 -12.67 8.61
C THR C 148 -7.63 -12.22 9.03
N TYR C 149 -7.95 -10.96 8.74
CA TYR C 149 -9.28 -10.42 9.06
C TYR C 149 -9.99 -10.05 7.77
N THR C 150 -11.23 -10.49 7.63
CA THR C 150 -12.05 -10.19 6.47
C THR C 150 -13.18 -9.28 6.92
N ASN C 151 -13.16 -8.03 6.47
CA ASN C 151 -14.17 -7.05 6.86
C ASN C 151 -15.11 -6.71 5.70
N PHE C 152 -16.39 -7.04 5.83
CA PHE C 152 -17.38 -6.80 4.78
C PHE C 152 -18.16 -5.50 4.91
N GLY C 153 -18.62 -4.98 3.77
CA GLY C 153 -19.43 -3.77 3.77
C GLY C 153 -18.70 -2.44 3.70
N PRO C 154 -19.46 -1.32 3.67
CA PRO C 154 -20.92 -1.28 3.72
C PRO C 154 -21.57 -1.97 2.51
N GLY C 155 -22.58 -2.79 2.77
CA GLY C 155 -23.27 -3.49 1.70
C GLY C 155 -24.46 -4.25 2.21
N MET C 156 -25.47 -4.44 1.37
CA MET C 156 -26.67 -5.15 1.76
C MET C 156 -26.45 -6.65 1.88
N SER C 157 -27.07 -7.24 2.90
CA SER C 157 -26.99 -8.67 3.13
C SER C 157 -28.34 -9.27 2.76
N MET C 158 -28.34 -10.14 1.76
CA MET C 158 -29.57 -10.78 1.31
C MET C 158 -30.23 -11.58 2.44
N GLY C 159 -29.46 -12.48 3.06
CA GLY C 159 -29.98 -13.29 4.14
C GLY C 159 -30.59 -12.50 5.28
N HIS C 160 -29.85 -11.50 5.76
CA HIS C 160 -30.33 -10.68 6.85
C HIS C 160 -31.60 -9.93 6.43
N SER C 161 -31.61 -9.43 5.19
CA SER C 161 -32.75 -8.69 4.66
C SER C 161 -34.01 -9.57 4.57
N VAL C 162 -33.89 -10.73 3.94
CA VAL C 162 -35.03 -11.63 3.80
C VAL C 162 -35.59 -12.05 5.15
N ALA C 163 -34.69 -12.23 6.13
CA ALA C 163 -35.11 -12.62 7.47
C ALA C 163 -36.03 -11.57 8.06
N VAL C 164 -35.70 -10.30 7.82
CA VAL C 164 -36.50 -9.19 8.32
C VAL C 164 -37.84 -9.12 7.60
N LYS C 165 -37.82 -9.43 6.31
CA LYS C 165 -39.04 -9.43 5.49
C LYS C 165 -40.01 -10.51 5.94
N ALA C 166 -39.49 -11.52 6.62
CA ALA C 166 -40.31 -12.64 7.10
C ALA C 166 -41.14 -12.22 8.32
N ILE C 167 -40.73 -11.14 8.96
CA ILE C 167 -41.45 -10.64 10.14
C ILE C 167 -42.77 -10.01 9.73
N PRO C 168 -43.89 -10.51 10.28
CA PRO C 168 -45.20 -9.95 9.93
C PRO C 168 -45.27 -8.47 10.29
N GLY C 169 -45.86 -7.67 9.41
CA GLY C 169 -45.95 -6.25 9.66
C GLY C 169 -44.93 -5.48 8.84
N VAL C 170 -43.96 -6.21 8.28
CA VAL C 170 -42.92 -5.60 7.46
C VAL C 170 -43.28 -5.72 5.99
N ARG C 171 -43.51 -4.59 5.35
CA ARG C 171 -43.86 -4.59 3.93
C ARG C 171 -42.60 -4.84 3.09
N ASP C 172 -41.48 -4.29 3.55
CA ASP C 172 -40.22 -4.44 2.85
C ASP C 172 -39.10 -3.94 3.77
N ALA C 173 -37.87 -4.36 3.50
CA ALA C 173 -36.75 -3.93 4.31
C ALA C 173 -35.42 -4.40 3.74
N LEU C 174 -34.34 -3.84 4.27
CA LEU C 174 -33.00 -4.22 3.83
C LEU C 174 -32.06 -4.12 5.00
N SER C 175 -31.13 -5.06 5.11
CA SER C 175 -30.17 -5.06 6.20
C SER C 175 -28.78 -4.75 5.65
N MET C 176 -28.19 -3.67 6.15
CA MET C 176 -26.85 -3.26 5.72
C MET C 176 -25.79 -3.87 6.63
N THR C 177 -24.78 -4.48 6.04
CA THR C 177 -23.68 -5.06 6.80
C THR C 177 -22.63 -3.96 6.97
N ILE C 178 -22.28 -3.68 8.22
CA ILE C 178 -21.30 -2.65 8.53
C ILE C 178 -20.05 -3.22 9.21
N PRO C 179 -18.86 -2.94 8.66
CA PRO C 179 -17.63 -3.45 9.24
C PRO C 179 -17.24 -2.68 10.51
N ALA C 180 -17.01 -3.41 11.60
CA ALA C 180 -16.64 -2.79 12.87
C ALA C 180 -15.15 -2.98 13.09
N GLY C 181 -14.52 -3.71 12.18
CA GLY C 181 -13.09 -3.97 12.29
C GLY C 181 -12.79 -5.32 12.90
N MET C 182 -11.61 -5.84 12.61
CA MET C 182 -11.17 -7.13 13.14
C MET C 182 -12.18 -8.25 12.91
N GLY C 183 -12.80 -8.26 11.75
CA GLY C 183 -13.76 -9.30 11.42
C GLY C 183 -15.11 -9.23 12.11
N VAL C 184 -15.37 -8.16 12.84
CA VAL C 184 -16.64 -7.98 13.54
C VAL C 184 -17.55 -7.11 12.69
N HIS C 185 -18.85 -7.43 12.68
CA HIS C 185 -19.78 -6.65 11.90
C HIS C 185 -21.01 -6.19 12.68
N LYS C 186 -21.51 -5.02 12.30
CA LYS C 186 -22.70 -4.44 12.92
C LYS C 186 -23.77 -4.49 11.85
N ARG C 187 -25.04 -4.29 12.24
CA ARG C 187 -26.13 -4.33 11.28
C ARG C 187 -26.96 -3.06 11.34
N ALA C 188 -27.27 -2.50 10.18
CA ALA C 188 -28.10 -1.30 10.09
C ALA C 188 -29.32 -1.70 9.27
N VAL C 189 -30.46 -1.84 9.95
CA VAL C 189 -31.69 -2.24 9.27
C VAL C 189 -32.66 -1.09 9.02
N TYR C 190 -33.25 -1.10 7.83
CA TYR C 190 -34.21 -0.08 7.43
C TYR C 190 -35.48 -0.84 7.06
N VAL C 191 -36.58 -0.51 7.72
CA VAL C 191 -37.84 -1.21 7.48
C VAL C 191 -39.03 -0.35 7.07
N GLU C 192 -39.82 -0.88 6.14
CA GLU C 192 -41.02 -0.23 5.64
C GLU C 192 -42.18 -1.06 6.18
N LEU C 193 -42.99 -0.47 7.05
CA LEU C 193 -44.09 -1.20 7.68
C LEU C 193 -45.41 -1.20 6.92
N GLU C 194 -46.16 -2.29 7.09
CA GLU C 194 -47.47 -2.43 6.48
C GLU C 194 -48.36 -1.41 7.18
N PRO C 195 -49.46 -1.02 6.54
CA PRO C 195 -50.36 -0.04 7.16
C PRO C 195 -50.89 -0.54 8.51
N GLY C 196 -50.65 0.23 9.56
CA GLY C 196 -51.13 -0.15 10.88
C GLY C 196 -50.21 -1.06 11.65
N ALA C 197 -49.01 -1.30 11.12
CA ALA C 197 -48.04 -2.15 11.80
C ALA C 197 -47.36 -1.39 12.93
N ASP C 198 -46.91 -2.12 13.96
CA ASP C 198 -46.25 -1.49 15.10
C ASP C 198 -44.74 -1.59 14.99
N PHE C 199 -44.07 -0.43 14.96
CA PHE C 199 -42.61 -0.41 14.84
C PHE C 199 -41.89 -1.10 16.00
N ALA C 200 -42.23 -0.70 17.22
CA ALA C 200 -41.60 -1.29 18.41
C ALA C 200 -41.58 -2.81 18.33
N GLU C 201 -42.72 -3.40 17.99
CA GLU C 201 -42.84 -4.84 17.87
C GLU C 201 -41.86 -5.39 16.85
N VAL C 202 -41.88 -4.81 15.65
CA VAL C 202 -40.98 -5.23 14.58
C VAL C 202 -39.53 -5.09 15.00
N GLU C 203 -39.20 -3.91 15.54
CA GLU C 203 -37.84 -3.65 16.00
C GLU C 203 -37.36 -4.75 16.94
N ARG C 204 -38.20 -5.14 17.90
CA ARG C 204 -37.85 -6.20 18.84
C ARG C 204 -37.64 -7.53 18.13
N ALA C 205 -38.58 -7.86 17.23
CA ALA C 205 -38.50 -9.11 16.48
C ALA C 205 -37.23 -9.19 15.66
N ILE C 206 -36.70 -8.03 15.28
CA ILE C 206 -35.47 -7.96 14.49
C ILE C 206 -34.24 -8.15 15.37
N LYS C 207 -34.08 -7.27 16.35
CA LYS C 207 -32.94 -7.31 17.24
C LYS C 207 -32.81 -8.62 18.02
N THR C 208 -33.91 -9.35 18.16
CA THR C 208 -33.89 -10.62 18.90
C THR C 208 -33.89 -11.83 17.97
N ASP C 209 -33.86 -11.60 16.67
CA ASP C 209 -33.86 -12.69 15.71
C ASP C 209 -32.47 -13.35 15.77
N PRO C 210 -32.42 -14.68 15.70
CA PRO C 210 -31.13 -15.37 15.75
C PRO C 210 -30.10 -14.88 14.72
N TYR C 211 -30.59 -14.22 13.67
CA TYR C 211 -29.70 -13.70 12.63
C TYR C 211 -29.11 -12.36 13.02
N PHE C 212 -29.63 -11.74 14.08
CA PHE C 212 -29.16 -10.43 14.53
C PHE C 212 -28.72 -10.35 15.99
N VAL C 213 -29.30 -11.20 16.82
CA VAL C 213 -29.02 -11.20 18.26
C VAL C 213 -27.56 -11.06 18.70
N ARG C 214 -26.63 -11.63 17.94
CA ARG C 214 -25.22 -11.57 18.33
C ARG C 214 -24.41 -10.36 17.81
N ASP C 215 -25.03 -9.49 17.04
CA ASP C 215 -24.33 -8.32 16.51
C ASP C 215 -25.04 -7.03 16.92
N GLU C 216 -24.29 -5.94 17.01
CA GLU C 216 -24.88 -4.66 17.35
C GLU C 216 -25.83 -4.36 16.19
N THR C 217 -27.10 -4.16 16.50
CA THR C 217 -28.09 -3.90 15.46
C THR C 217 -28.93 -2.65 15.73
N ARG C 218 -29.15 -1.87 14.68
CA ARG C 218 -29.93 -0.66 14.77
C ARG C 218 -31.03 -0.74 13.72
N VAL C 219 -32.23 -0.33 14.10
CA VAL C 219 -33.38 -0.39 13.19
C VAL C 219 -33.98 1.00 13.00
N THR C 220 -34.22 1.37 11.74
CA THR C 220 -34.80 2.65 11.40
C THR C 220 -36.02 2.44 10.51
N GLN C 221 -37.12 3.11 10.81
CA GLN C 221 -38.31 2.97 9.99
C GLN C 221 -38.22 3.97 8.86
N VAL C 222 -38.57 3.55 7.65
CA VAL C 222 -38.53 4.45 6.50
C VAL C 222 -39.82 4.39 5.70
N GLU C 223 -40.09 5.45 4.95
CA GLU C 223 -41.28 5.52 4.13
C GLU C 223 -41.19 4.54 2.96
N SER C 224 -39.98 4.35 2.44
CA SER C 224 -39.76 3.43 1.32
C SER C 224 -38.37 2.82 1.36
N VAL C 225 -38.30 1.50 1.28
CA VAL C 225 -37.03 0.79 1.30
C VAL C 225 -36.42 0.72 -0.10
N SER C 226 -37.27 0.63 -1.12
CA SER C 226 -36.78 0.56 -2.50
C SER C 226 -35.95 1.79 -2.82
N ALA C 227 -36.23 2.90 -2.13
CA ALA C 227 -35.50 4.14 -2.34
C ALA C 227 -34.12 4.13 -1.69
N LEU C 228 -33.85 3.10 -0.89
CA LEU C 228 -32.57 2.98 -0.20
C LEU C 228 -31.72 1.82 -0.74
N MET C 229 -32.31 1.03 -1.62
CA MET C 229 -31.66 -0.16 -2.18
C MET C 229 -30.53 0.05 -3.20
N ASP C 230 -29.36 -0.50 -2.90
CA ASP C 230 -28.19 -0.45 -3.79
C ASP C 230 -27.46 -1.78 -3.57
N VAL C 231 -27.10 -2.47 -4.66
CA VAL C 231 -26.46 -3.77 -4.55
C VAL C 231 -24.93 -3.74 -4.49
N GLY C 232 -24.38 -2.56 -4.23
CA GLY C 232 -22.93 -2.45 -4.12
C GLY C 232 -22.48 -3.07 -2.81
N HIS C 233 -21.25 -3.54 -2.77
CA HIS C 233 -20.73 -4.15 -1.55
C HIS C 233 -19.22 -4.03 -1.58
N GLY C 234 -18.55 -4.53 -0.56
CA GLY C 234 -17.11 -4.44 -0.56
C GLY C 234 -16.47 -5.27 0.52
N VAL C 235 -15.15 -5.32 0.49
CA VAL C 235 -14.41 -6.09 1.48
C VAL C 235 -13.02 -5.52 1.66
N VAL C 236 -12.50 -5.68 2.87
CA VAL C 236 -11.15 -5.27 3.21
C VAL C 236 -10.59 -6.46 3.94
N MET C 237 -9.62 -7.12 3.32
CA MET C 237 -8.97 -8.27 3.91
C MET C 237 -7.56 -7.83 4.30
N GLU C 238 -7.19 -8.08 5.54
CA GLU C 238 -5.86 -7.69 6.01
C GLU C 238 -5.17 -8.81 6.77
N ARG C 239 -3.85 -8.86 6.64
CA ARG C 239 -3.05 -9.84 7.36
C ARG C 239 -1.72 -9.25 7.75
N LYS C 240 -1.31 -9.51 8.98
CA LYS C 240 -0.03 -9.07 9.50
C LYS C 240 0.57 -10.39 9.97
N GLY C 241 1.60 -10.86 9.28
CA GLY C 241 2.18 -12.13 9.66
C GLY C 241 3.66 -12.33 9.44
N VAL C 242 4.11 -13.54 9.73
CA VAL C 242 5.50 -13.92 9.62
C VAL C 242 5.82 -14.72 8.36
N SER C 243 6.74 -14.22 7.54
CA SER C 243 7.18 -14.95 6.36
C SER C 243 8.47 -15.61 6.85
N GLY C 244 8.47 -16.94 6.93
CA GLY C 244 9.65 -17.63 7.41
C GLY C 244 9.82 -17.34 8.88
N ALA C 245 10.78 -16.48 9.21
CA ALA C 245 11.04 -16.08 10.60
C ALA C 245 10.99 -14.55 10.71
N THR C 246 10.57 -13.91 9.63
CA THR C 246 10.49 -12.45 9.57
C THR C 246 9.08 -11.95 9.82
N HIS C 247 8.90 -11.25 10.95
CA HIS C 247 7.60 -10.75 11.35
C HIS C 247 7.16 -9.41 10.73
N ASN C 248 5.90 -9.07 10.98
CA ASN C 248 5.29 -7.84 10.51
C ASN C 248 5.17 -7.65 9.00
N GLN C 249 4.90 -8.73 8.27
CA GLN C 249 4.70 -8.64 6.84
C GLN C 249 3.26 -8.11 6.75
N LEU C 250 3.05 -7.04 5.99
CA LEU C 250 1.72 -6.44 5.89
C LEU C 250 1.03 -6.62 4.54
N PHE C 251 -0.21 -7.13 4.57
CA PHE C 251 -0.98 -7.36 3.36
C PHE C 251 -2.39 -6.76 3.45
N ARG C 252 -2.86 -6.16 2.37
CA ARG C 252 -4.21 -5.57 2.37
C ARG C 252 -4.86 -5.67 1.00
N PHE C 253 -6.09 -6.18 0.98
CA PHE C 253 -6.85 -6.30 -0.26
C PHE C 253 -8.20 -5.65 -0.04
N GLU C 254 -8.56 -4.73 -0.93
CA GLU C 254 -9.85 -4.05 -0.84
C GLU C 254 -10.58 -4.10 -2.16
N MET C 255 -11.91 -4.14 -2.06
CA MET C 255 -12.77 -4.24 -3.22
C MET C 255 -14.06 -3.44 -2.99
N ARG C 256 -14.48 -2.66 -3.99
CA ARG C 256 -15.73 -1.90 -3.93
C ARG C 256 -16.38 -2.26 -5.25
N ILE C 257 -17.38 -3.12 -5.17
CA ILE C 257 -18.01 -3.64 -6.37
C ILE C 257 -19.52 -3.85 -6.31
N ASN C 258 -20.08 -4.17 -7.46
CA ASN C 258 -21.50 -4.48 -7.57
C ASN C 258 -21.52 -5.96 -7.21
N ASN C 259 -22.17 -6.29 -6.11
CA ASN C 259 -22.24 -7.65 -5.58
C ASN C 259 -22.69 -8.72 -6.60
N PRO C 260 -23.96 -8.69 -7.04
CA PRO C 260 -24.40 -9.69 -8.00
C PRO C 260 -23.63 -9.72 -9.33
N ALA C 261 -23.15 -8.56 -9.79
CA ALA C 261 -22.39 -8.51 -11.03
C ALA C 261 -21.09 -9.30 -10.92
N LEU C 262 -20.36 -9.10 -9.83
CA LEU C 262 -19.09 -9.79 -9.63
C LEU C 262 -19.32 -11.29 -9.41
N THR C 263 -20.32 -11.63 -8.61
CA THR C 263 -20.63 -13.01 -8.32
C THR C 263 -20.90 -13.77 -9.61
N ALA C 264 -21.72 -13.19 -10.48
CA ALA C 264 -22.07 -13.81 -11.75
C ALA C 264 -20.84 -13.98 -12.63
N GLN C 265 -19.97 -12.98 -12.64
CA GLN C 265 -18.76 -13.06 -13.46
C GLN C 265 -17.82 -14.13 -12.95
N VAL C 266 -17.70 -14.26 -11.63
CA VAL C 266 -16.83 -15.29 -11.07
C VAL C 266 -17.41 -16.66 -11.38
N MET C 267 -18.73 -16.79 -11.32
CA MET C 267 -19.37 -18.07 -11.61
C MET C 267 -19.07 -18.48 -13.05
N VAL C 268 -19.10 -17.50 -13.96
CA VAL C 268 -18.80 -17.78 -15.36
C VAL C 268 -17.38 -18.32 -15.48
N ALA C 269 -16.43 -17.65 -14.83
CA ALA C 269 -15.04 -18.08 -14.89
C ALA C 269 -14.87 -19.47 -14.29
N ALA C 270 -15.60 -19.75 -13.21
CA ALA C 270 -15.54 -21.03 -12.53
C ALA C 270 -16.14 -22.15 -13.38
N LEU C 271 -17.15 -21.83 -14.17
CA LEU C 271 -17.78 -22.84 -15.03
C LEU C 271 -16.80 -23.18 -16.15
N ARG C 272 -16.09 -22.15 -16.61
CA ARG C 272 -15.08 -22.31 -17.65
C ARG C 272 -14.05 -23.30 -17.12
N ALA C 273 -13.65 -23.10 -15.86
CA ALA C 273 -12.67 -23.97 -15.22
C ALA C 273 -13.24 -25.37 -15.03
N ALA C 274 -14.51 -25.46 -14.63
CA ALA C 274 -15.15 -26.74 -14.41
C ALA C 274 -15.04 -27.64 -15.63
N ALA C 275 -15.32 -27.08 -16.81
CA ALA C 275 -15.27 -27.83 -18.05
C ALA C 275 -13.88 -28.41 -18.34
N ARG C 276 -12.87 -27.89 -17.65
CA ARG C 276 -11.49 -28.33 -17.85
C ARG C 276 -10.98 -29.32 -16.79
N GLN C 277 -11.81 -29.64 -15.80
CA GLN C 277 -11.38 -30.53 -14.72
C GLN C 277 -11.78 -31.99 -14.89
N LYS C 278 -11.12 -32.87 -14.15
CA LYS C 278 -11.47 -34.28 -14.17
C LYS C 278 -12.81 -34.27 -13.43
N PRO C 279 -13.71 -35.21 -13.74
CA PRO C 279 -15.02 -35.23 -13.05
C PRO C 279 -14.87 -35.26 -11.53
N GLY C 280 -15.70 -34.47 -10.86
CA GLY C 280 -15.66 -34.40 -9.41
C GLY C 280 -16.11 -33.02 -8.95
N CYS C 281 -16.02 -32.74 -7.66
CA CYS C 281 -16.43 -31.45 -7.11
C CYS C 281 -15.23 -30.70 -6.53
N TYR C 282 -15.14 -29.41 -6.84
CA TYR C 282 -14.03 -28.57 -6.39
C TYR C 282 -14.48 -27.23 -5.80
N THR C 283 -13.64 -26.67 -4.91
CA THR C 283 -13.91 -25.33 -4.38
C THR C 283 -12.92 -24.53 -5.23
N MET C 284 -12.99 -23.20 -5.22
CA MET C 284 -12.09 -22.41 -6.05
C MET C 284 -10.59 -22.50 -5.74
N ILE C 285 -10.23 -22.94 -4.54
CA ILE C 285 -8.80 -23.05 -4.21
C ILE C 285 -8.23 -24.40 -4.66
N GLU C 286 -9.06 -25.20 -5.32
CA GLU C 286 -8.63 -26.51 -5.81
C GLU C 286 -8.42 -26.53 -7.32
N ILE C 287 -8.42 -25.35 -7.92
CA ILE C 287 -8.26 -25.23 -9.36
C ILE C 287 -7.15 -24.25 -9.75
N PRO C 288 -6.25 -24.65 -10.66
CA PRO C 288 -5.18 -23.72 -11.06
C PRO C 288 -5.82 -22.46 -11.63
N VAL C 289 -5.41 -21.31 -11.11
CA VAL C 289 -5.97 -20.03 -11.53
C VAL C 289 -6.04 -19.79 -13.03
N ILE C 290 -5.09 -20.33 -13.78
CA ILE C 290 -5.09 -20.12 -15.23
C ILE C 290 -6.29 -20.80 -15.90
N ASP C 291 -6.89 -21.78 -15.23
CA ASP C 291 -8.05 -22.47 -15.81
C ASP C 291 -9.29 -21.57 -15.78
N TYR C 292 -9.22 -20.45 -15.07
CA TYR C 292 -10.32 -19.50 -15.01
C TYR C 292 -10.24 -18.49 -16.16
N LEU C 293 -9.16 -18.56 -16.92
CA LEU C 293 -8.93 -17.64 -18.04
C LEU C 293 -9.20 -18.34 -19.38
N PRO C 294 -9.95 -17.67 -20.26
CA PRO C 294 -10.29 -18.21 -21.58
C PRO C 294 -9.13 -18.42 -22.55
N GLY C 295 -9.20 -19.50 -23.33
CA GLY C 295 -8.16 -19.78 -24.31
C GLY C 295 -6.88 -20.43 -23.82
N ASP C 296 -5.91 -20.56 -24.71
CA ASP C 296 -4.63 -21.18 -24.40
C ASP C 296 -3.86 -20.52 -23.27
N ARG C 297 -3.13 -21.34 -22.53
CA ARG C 297 -2.34 -20.89 -21.39
C ARG C 297 -1.15 -20.00 -21.72
N GLU C 298 -0.43 -20.36 -22.78
CA GLU C 298 0.75 -19.63 -23.22
C GLU C 298 0.60 -18.09 -23.18
N ALA C 299 -0.39 -17.59 -23.90
CA ALA C 299 -0.62 -16.15 -23.95
C ALA C 299 -0.84 -15.51 -22.58
N TRP C 300 -1.58 -16.18 -21.71
CA TRP C 300 -1.83 -15.65 -20.39
C TRP C 300 -0.57 -15.64 -19.54
N ILE C 301 0.26 -16.66 -19.70
CA ILE C 301 1.50 -16.74 -18.94
C ILE C 301 2.38 -15.54 -19.31
N ARG C 302 2.50 -15.28 -20.61
CA ARG C 302 3.30 -14.14 -21.07
C ARG C 302 2.70 -12.81 -20.63
N LYS C 303 1.38 -12.71 -20.62
CA LYS C 303 0.72 -11.46 -20.23
C LYS C 303 0.72 -11.16 -18.73
N LEU C 304 0.38 -12.15 -17.93
CA LEU C 304 0.23 -11.96 -16.48
C LEU C 304 1.34 -12.31 -15.50
N VAL C 305 2.15 -13.32 -15.83
CA VAL C 305 3.18 -13.72 -14.88
C VAL C 305 4.32 -12.73 -14.70
#